data_1LFI
#
_entry.id   1LFI
#
_cell.length_a   155.900
_cell.length_b   97.000
_cell.length_c   56.000
_cell.angle_alpha   90.00
_cell.angle_beta   90.00
_cell.angle_gamma   90.00
#
_symmetry.space_group_name_H-M   'P 21 21 21'
#
loop_
_entity.id
_entity.type
_entity.pdbx_description
1 polymer LACTOFERRIN
2 branched 2-acetamido-2-deoxy-beta-D-glucopyranose-(1-3)-[beta-L-fucopyranose-(1-6)]2-acetamido-2-deoxy-beta-D-glucopyranose
3 branched alpha-L-fucopyranose-(1-6)-2-acetamido-2-deoxy-beta-D-glucopyranose
4 non-polymer 'COPPER (II) ION'
5 non-polymer 'CARBONATE ION'
6 water water
#
_entity_poly.entity_id   1
_entity_poly.type   'polypeptide(L)'
_entity_poly.pdbx_seq_one_letter_code
;GRRRSVQWCAVSNPEATKCFQWQRNMRKVRGPPVSCIKRDSPIQCIQAIAENRADAVTLDGGFIYEAGLAPYKLRPVAAE
VYGTERQPRTHYYAVAVVKKGGSFQLNELQGLKSCHTGLRRTAGWNVPIGTLRPFLNWTGPPEPIEAAVARFFSASCVPG
ADKGQFPNLCRLCAGTGENKCAFSSQEPYFSYSGAFKCLRDGAGDVAFIRESTVFEDLSDEAERDEYELLCPDNTRKPVD
KFKDCHLARVPSHAVVARSVNGKEDAIWNLLRQAQEKFGKDKSPKFQLFGSPSGQKDLLFKDSAIGFSRVPPRIDSGLYL
GSGYFTAIQNLRKSEEEVAARRARVVWCAVGEQELRKCNQWSGLSEGSVTCSSASTTEDCIALVLKGEADAMSLDGGYVY
TAGKCGLVPVLAENYKSQQSSDPDPNCVDRPVEGYLAVAVVRRSDTSLTWNSVKGKKSCHTAVDRTAGWNIPMGLLFNQT
GSCKFDEYFSQSCAPGSDPRSNLCALCIGDEEGENKCVPNSNERYYGYTGAFRCLAENAGDVAFVKDVTVLQNTDGNNNE
AWAKDLKLADFALLCLDGKRKPVTEARSCHLAMAPNHAVVSRMDKVERLKQVLLHQQAKFGRNGSDCPDKFCLFQSETKN
LLFNDNTECLARLHGKTTYEKYLGPQYVAGITNLKKCSTSPLLEACEFLRK
;
_entity_poly.pdbx_strand_id   A
#
loop_
_chem_comp.id
_chem_comp.type
_chem_comp.name
_chem_comp.formula
CO3 non-polymer 'CARBONATE ION' 'C O3 -2'
CU non-polymer 'COPPER (II) ION' 'Cu 2'
FUC L-saccharide, alpha linking alpha-L-fucopyranose 'C6 H12 O5'
FUL L-saccharide, beta linking beta-L-fucopyranose 'C6 H12 O5'
NAG D-saccharide, beta linking 2-acetamido-2-deoxy-beta-D-glucopyranose 'C8 H15 N O6'
#
# COMPACT_ATOMS: atom_id res chain seq x y z
N GLY A 1 -24.90 17.69 -3.12
CA GLY A 1 -23.80 16.74 -2.94
C GLY A 1 -24.34 15.31 -2.70
N ARG A 2 -23.40 14.45 -2.10
CA ARG A 2 -23.49 12.94 -1.64
C ARG A 2 -24.28 11.86 -2.52
N ARG A 3 -24.90 12.44 -3.53
CA ARG A 3 -25.85 11.68 -4.32
C ARG A 3 -26.92 12.59 -5.03
N ARG A 4 -27.98 11.85 -5.38
CA ARG A 4 -29.18 12.25 -6.19
C ARG A 4 -29.05 11.40 -7.45
N SER A 5 -28.69 12.07 -8.53
CA SER A 5 -28.41 11.38 -9.79
C SER A 5 -26.87 11.50 -10.01
N VAL A 6 -26.34 10.36 -10.41
CA VAL A 6 -24.92 10.19 -10.72
C VAL A 6 -24.83 10.39 -12.26
N GLN A 7 -23.99 11.37 -12.63
CA GLN A 7 -23.78 11.61 -14.06
C GLN A 7 -22.70 10.68 -14.61
N TRP A 8 -22.92 9.64 -15.37
CA TRP A 8 -21.84 8.81 -15.90
C TRP A 8 -21.16 9.53 -17.09
N CYS A 9 -19.93 9.23 -17.48
CA CYS A 9 -19.29 9.92 -18.63
C CYS A 9 -19.12 8.88 -19.75
N ALA A 10 -19.75 9.05 -20.91
CA ALA A 10 -19.57 8.06 -21.97
C ALA A 10 -18.35 8.66 -22.74
N VAL A 11 -17.69 7.72 -23.43
CA VAL A 11 -16.50 8.13 -24.19
C VAL A 11 -16.72 7.94 -25.71
N SER A 12 -17.90 7.37 -25.96
CA SER A 12 -18.45 6.97 -27.25
C SER A 12 -19.95 7.30 -27.50
N ASN A 13 -20.32 7.18 -28.83
CA ASN A 13 -21.74 7.34 -29.33
C ASN A 13 -22.46 6.15 -28.70
N PRO A 14 -22.07 4.94 -29.10
CA PRO A 14 -22.72 3.72 -28.66
C PRO A 14 -22.58 3.52 -27.13
N GLU A 15 -21.89 4.42 -26.43
CA GLU A 15 -21.72 4.33 -24.94
C GLU A 15 -22.78 5.19 -24.28
N ALA A 16 -23.01 6.27 -24.96
CA ALA A 16 -24.03 7.19 -24.59
C ALA A 16 -25.37 6.47 -24.79
N THR A 17 -25.47 5.76 -25.92
CA THR A 17 -26.70 5.02 -26.24
C THR A 17 -26.98 3.97 -25.15
N LYS A 18 -25.93 3.25 -24.74
CA LYS A 18 -26.08 2.26 -23.66
C LYS A 18 -26.28 2.98 -22.34
N CYS A 19 -25.59 4.12 -22.21
CA CYS A 19 -25.70 4.93 -21.00
C CYS A 19 -27.11 5.50 -20.87
N PHE A 20 -27.74 5.68 -22.01
CA PHE A 20 -29.09 6.24 -22.07
C PHE A 20 -30.13 5.12 -21.77
N GLN A 21 -29.96 3.94 -22.38
CA GLN A 21 -30.87 2.79 -22.11
C GLN A 21 -30.81 2.48 -20.62
N TRP A 22 -29.60 2.50 -20.11
CA TRP A 22 -29.39 2.28 -18.68
C TRP A 22 -30.21 3.35 -17.98
N GLN A 23 -30.04 4.61 -18.25
CA GLN A 23 -30.76 5.72 -17.61
C GLN A 23 -32.23 5.51 -17.22
N ARG A 24 -32.85 4.81 -18.15
CA ARG A 24 -34.22 4.36 -18.38
C ARG A 24 -34.60 3.03 -17.74
N ASN A 25 -33.89 1.92 -17.81
CA ASN A 25 -34.42 0.74 -17.11
C ASN A 25 -34.31 1.00 -15.60
N MET A 26 -33.43 1.90 -15.26
CA MET A 26 -33.15 2.28 -13.88
C MET A 26 -34.37 2.99 -13.29
N ARG A 27 -34.65 4.19 -13.77
CA ARG A 27 -35.84 4.80 -13.13
C ARG A 27 -37.08 3.94 -13.39
N LYS A 28 -37.10 3.04 -14.34
CA LYS A 28 -38.24 2.16 -14.67
C LYS A 28 -38.35 0.90 -13.79
N VAL A 29 -37.61 0.87 -12.73
CA VAL A 29 -37.52 -0.26 -11.75
C VAL A 29 -37.57 0.57 -10.47
N ARG A 30 -37.71 1.84 -10.80
CA ARG A 30 -37.80 2.99 -9.91
C ARG A 30 -36.56 2.94 -9.00
N GLY A 31 -35.44 2.70 -9.70
CA GLY A 31 -34.13 2.59 -9.03
C GLY A 31 -33.50 3.97 -8.98
N PRO A 32 -32.29 4.01 -8.42
CA PRO A 32 -31.56 5.30 -8.32
C PRO A 32 -31.23 5.76 -9.74
N PRO A 33 -31.21 7.09 -9.84
CA PRO A 33 -30.93 7.78 -11.13
C PRO A 33 -29.48 8.05 -11.57
N VAL A 34 -29.26 7.62 -12.83
CA VAL A 34 -28.00 7.76 -13.56
C VAL A 34 -28.31 8.67 -14.78
N SER A 35 -27.65 9.80 -14.89
CA SER A 35 -27.83 10.71 -16.05
C SER A 35 -26.55 10.52 -16.86
N CYS A 36 -26.42 10.78 -18.13
CA CYS A 36 -25.24 10.63 -18.99
C CYS A 36 -24.67 11.86 -19.73
N ILE A 37 -23.35 12.03 -19.63
CA ILE A 37 -22.52 13.07 -20.21
C ILE A 37 -21.71 12.42 -21.32
N LYS A 38 -21.35 13.21 -22.33
CA LYS A 38 -20.61 12.74 -23.55
C LYS A 38 -19.25 13.41 -23.76
N ARG A 39 -18.41 12.58 -24.34
CA ARG A 39 -17.03 12.93 -24.70
C ARG A 39 -16.46 11.85 -25.66
N ASP A 40 -15.45 12.30 -26.40
CA ASP A 40 -14.61 11.47 -27.29
C ASP A 40 -13.47 10.67 -26.58
N SER A 41 -13.11 10.89 -25.30
CA SER A 41 -11.96 10.12 -24.77
C SER A 41 -11.82 10.03 -23.24
N PRO A 42 -11.10 8.98 -22.77
CA PRO A 42 -10.87 8.73 -21.35
C PRO A 42 -10.50 9.99 -20.61
N ILE A 43 -9.58 10.85 -21.04
CA ILE A 43 -9.19 12.06 -20.30
C ILE A 43 -10.15 13.23 -20.28
N GLN A 44 -10.95 13.25 -21.30
CA GLN A 44 -11.98 14.28 -21.43
C GLN A 44 -12.96 13.85 -20.31
N CYS A 45 -13.04 12.52 -20.23
CA CYS A 45 -13.87 11.89 -19.15
C CYS A 45 -13.19 12.29 -17.84
N ILE A 46 -11.87 12.12 -17.74
CA ILE A 46 -11.12 12.55 -16.52
C ILE A 46 -11.30 14.01 -16.24
N GLN A 47 -11.18 14.92 -17.17
CA GLN A 47 -11.38 16.38 -17.01
C GLN A 47 -12.77 16.78 -16.48
N ALA A 48 -13.77 16.21 -17.15
CA ALA A 48 -15.22 16.33 -16.85
C ALA A 48 -15.43 15.94 -15.37
N ILE A 49 -15.13 14.67 -15.04
CA ILE A 49 -15.26 14.33 -13.61
C ILE A 49 -14.60 15.39 -12.72
N ALA A 50 -13.40 15.84 -13.02
CA ALA A 50 -12.66 16.82 -12.21
C ALA A 50 -13.20 18.24 -12.18
N GLU A 51 -13.99 18.60 -13.17
CA GLU A 51 -14.57 19.95 -13.22
C GLU A 51 -16.10 19.85 -12.95
N ASN A 52 -16.41 18.75 -12.30
CA ASN A 52 -17.76 18.45 -11.88
C ASN A 52 -18.89 18.38 -12.87
N ARG A 53 -18.53 18.13 -14.08
CA ARG A 53 -19.48 18.03 -15.20
C ARG A 53 -19.91 16.59 -15.44
N ALA A 54 -19.47 15.67 -14.58
CA ALA A 54 -19.76 14.24 -14.63
C ALA A 54 -19.22 13.74 -13.27
N ASP A 55 -19.72 12.55 -12.91
CA ASP A 55 -19.28 11.95 -11.65
C ASP A 55 -18.51 10.63 -11.80
N ALA A 56 -18.73 9.82 -12.83
CA ALA A 56 -17.96 8.59 -12.82
C ALA A 56 -17.52 8.07 -14.14
N VAL A 57 -16.60 7.14 -14.29
CA VAL A 57 -16.19 6.57 -15.59
C VAL A 57 -15.37 5.35 -15.12
N THR A 58 -15.44 4.25 -15.79
CA THR A 58 -14.70 3.00 -15.56
C THR A 58 -13.46 3.15 -16.46
N LEU A 59 -12.30 3.13 -15.86
CA LEU A 59 -11.03 3.31 -16.58
C LEU A 59 -10.18 2.08 -16.47
N ASP A 60 -9.28 1.99 -17.40
CA ASP A 60 -8.29 0.94 -17.38
C ASP A 60 -7.18 1.38 -16.41
N GLY A 61 -6.45 0.40 -15.91
CA GLY A 61 -5.37 0.65 -14.95
C GLY A 61 -4.53 1.87 -15.37
N GLY A 62 -4.25 1.87 -16.66
CA GLY A 62 -3.42 2.89 -17.33
C GLY A 62 -3.88 4.31 -17.09
N PHE A 63 -5.20 4.46 -17.14
CA PHE A 63 -5.88 5.78 -16.96
C PHE A 63 -6.17 6.02 -15.51
N ILE A 64 -6.19 4.91 -14.75
CA ILE A 64 -6.41 5.18 -13.29
C ILE A 64 -5.21 5.97 -12.81
N TYR A 65 -4.02 5.55 -13.30
CA TYR A 65 -2.68 6.12 -13.05
C TYR A 65 -2.77 7.59 -13.33
N GLU A 66 -3.02 7.87 -14.60
CA GLU A 66 -3.22 9.14 -15.31
C GLU A 66 -4.15 10.01 -14.54
N ALA A 67 -5.30 9.45 -14.20
CA ALA A 67 -6.38 10.09 -13.45
C ALA A 67 -6.02 10.45 -12.02
N GLY A 68 -5.11 9.71 -11.45
CA GLY A 68 -4.76 10.04 -10.05
C GLY A 68 -3.93 11.34 -9.97
N LEU A 69 -3.19 11.53 -11.08
CA LEU A 69 -2.33 12.72 -11.12
C LEU A 69 -3.08 14.02 -10.89
N ALA A 70 -2.26 14.99 -10.50
CA ALA A 70 -2.84 16.37 -10.30
C ALA A 70 -3.02 16.86 -11.73
N PRO A 71 -3.95 17.74 -11.97
CA PRO A 71 -4.86 18.37 -11.03
C PRO A 71 -6.19 17.64 -10.92
N TYR A 72 -6.14 16.39 -11.28
CA TYR A 72 -7.27 15.45 -11.26
C TYR A 72 -7.39 14.86 -9.88
N LYS A 73 -6.44 13.99 -9.52
CA LYS A 73 -6.57 13.40 -8.15
C LYS A 73 -7.91 12.71 -7.91
N LEU A 74 -8.34 11.87 -8.82
CA LEU A 74 -9.54 11.04 -8.91
C LEU A 74 -9.10 9.73 -8.21
N ARG A 75 -10.09 9.07 -7.60
CA ARG A 75 -10.04 7.85 -6.79
C ARG A 75 -10.86 6.68 -7.27
N PRO A 76 -10.37 5.49 -7.29
CA PRO A 76 -11.14 4.31 -7.71
C PRO A 76 -12.10 4.09 -6.53
N VAL A 77 -13.36 3.85 -6.82
CA VAL A 77 -14.46 3.67 -5.84
C VAL A 77 -15.01 2.23 -5.98
N ALA A 78 -14.92 1.70 -7.23
CA ALA A 78 -15.48 0.37 -7.45
C ALA A 78 -14.64 -0.35 -8.44
N ALA A 79 -14.27 -1.58 -8.28
CA ALA A 79 -13.45 -2.32 -9.20
C ALA A 79 -14.36 -3.32 -9.90
N GLU A 80 -14.14 -3.66 -11.14
CA GLU A 80 -14.97 -4.67 -11.80
C GLU A 80 -14.58 -6.04 -11.29
N VAL A 81 -15.44 -7.05 -11.35
CA VAL A 81 -14.93 -8.36 -10.90
C VAL A 81 -14.95 -9.20 -12.15
N TYR A 82 -14.05 -10.11 -12.21
CA TYR A 82 -13.98 -11.03 -13.37
C TYR A 82 -14.14 -12.45 -12.83
N GLY A 83 -13.72 -13.38 -13.66
CA GLY A 83 -13.78 -14.82 -13.40
C GLY A 83 -15.31 -15.15 -13.32
N THR A 84 -15.77 -15.85 -12.28
CA THR A 84 -17.23 -16.25 -12.14
C THR A 84 -17.69 -16.18 -10.68
N GLU A 85 -18.92 -16.15 -10.48
CA GLU A 85 -19.56 -16.03 -9.17
C GLU A 85 -18.81 -16.48 -7.91
N ARG A 86 -18.19 -17.64 -8.08
CA ARG A 86 -17.34 -18.08 -6.97
C ARG A 86 -16.14 -18.68 -7.76
N GLN A 87 -15.30 -17.68 -7.92
CA GLN A 87 -14.01 -17.58 -8.57
C GLN A 87 -14.03 -16.15 -9.15
N PRO A 88 -14.65 -15.34 -8.31
CA PRO A 88 -14.78 -13.91 -8.66
C PRO A 88 -13.38 -13.34 -8.48
N ARG A 89 -12.95 -12.34 -9.23
CA ARG A 89 -11.57 -11.83 -9.04
C ARG A 89 -11.54 -10.46 -9.63
N THR A 90 -10.86 -9.63 -8.90
CA THR A 90 -10.62 -8.20 -9.29
C THR A 90 -9.25 -8.03 -9.93
N HIS A 91 -8.85 -8.94 -10.81
CA HIS A 91 -7.57 -8.81 -11.44
C HIS A 91 -7.62 -9.71 -12.65
N TYR A 92 -6.71 -9.43 -13.55
CA TYR A 92 -6.60 -10.19 -14.80
C TYR A 92 -5.08 -10.36 -15.05
N TYR A 93 -4.84 -11.10 -16.12
CA TYR A 93 -3.61 -11.53 -16.71
C TYR A 93 -3.31 -10.80 -18.02
N ALA A 94 -2.23 -10.06 -18.05
CA ALA A 94 -1.78 -9.48 -19.32
C ALA A 94 -1.13 -10.66 -20.05
N VAL A 95 -1.55 -11.17 -21.20
CA VAL A 95 -0.84 -12.24 -21.89
C VAL A 95 -0.40 -11.73 -23.30
N ALA A 96 0.45 -12.52 -23.92
CA ALA A 96 1.04 -12.33 -25.23
C ALA A 96 0.58 -13.55 -26.07
N VAL A 97 -0.43 -13.23 -26.90
CA VAL A 97 -1.07 -14.24 -27.75
C VAL A 97 -0.50 -14.32 -29.17
N VAL A 98 -0.25 -15.56 -29.51
CA VAL A 98 0.25 -15.85 -30.83
C VAL A 98 -0.49 -17.10 -31.40
N LYS A 99 -0.28 -17.25 -32.71
CA LYS A 99 -0.82 -18.37 -33.48
C LYS A 99 0.17 -19.53 -33.49
N LYS A 100 -0.27 -20.78 -33.48
CA LYS A 100 0.60 -21.96 -33.53
C LYS A 100 1.10 -22.14 -34.97
N GLY A 101 2.30 -22.69 -35.02
CA GLY A 101 2.98 -22.94 -36.30
C GLY A 101 4.41 -22.37 -36.24
N GLY A 102 4.41 -21.13 -35.74
CA GLY A 102 5.70 -20.40 -35.59
C GLY A 102 6.27 -20.94 -34.27
N SER A 103 7.51 -20.61 -34.05
CA SER A 103 8.28 -20.98 -32.86
C SER A 103 9.12 -19.69 -32.92
N PHE A 104 9.04 -18.91 -31.91
CA PHE A 104 9.73 -17.61 -31.79
C PHE A 104 9.35 -17.36 -30.31
N GLN A 105 10.30 -17.01 -29.49
CA GLN A 105 9.89 -16.83 -28.07
C GLN A 105 9.77 -15.32 -27.84
N LEU A 106 9.35 -14.95 -26.65
CA LEU A 106 9.15 -13.54 -26.29
C LEU A 106 10.48 -12.78 -26.28
N ASN A 107 11.55 -13.52 -26.43
CA ASN A 107 12.88 -12.92 -26.52
C ASN A 107 13.28 -12.84 -28.01
N GLU A 108 12.31 -13.19 -28.88
CA GLU A 108 12.53 -13.26 -30.36
C GLU A 108 11.48 -12.54 -31.16
N LEU A 109 11.10 -11.36 -30.78
CA LEU A 109 10.11 -10.44 -31.33
C LEU A 109 10.47 -9.14 -32.10
N GLN A 110 11.78 -8.95 -32.17
CA GLN A 110 12.43 -7.81 -32.82
C GLN A 110 12.12 -7.96 -34.33
N GLY A 111 11.64 -6.88 -34.94
CA GLY A 111 11.27 -7.06 -36.35
C GLY A 111 9.98 -7.93 -36.44
N LEU A 112 9.18 -8.13 -35.40
CA LEU A 112 7.96 -8.97 -35.63
C LEU A 112 6.86 -7.88 -35.75
N LYS A 113 5.67 -8.30 -36.14
CA LYS A 113 4.60 -7.22 -36.24
C LYS A 113 3.71 -7.54 -35.05
N SER A 114 3.25 -6.58 -34.35
CA SER A 114 2.47 -6.60 -33.12
C SER A 114 1.17 -5.82 -33.06
N CYS A 115 0.21 -6.31 -32.29
CA CYS A 115 -1.14 -5.73 -32.11
C CYS A 115 -1.37 -5.54 -30.60
N HIS A 116 -1.54 -4.30 -30.24
CA HIS A 116 -1.69 -3.66 -28.97
C HIS A 116 -3.13 -3.20 -28.75
N THR A 117 -3.57 -3.34 -27.50
CA THR A 117 -4.91 -2.88 -27.18
C THR A 117 -4.91 -1.38 -27.35
N GLY A 118 -3.81 -0.62 -27.09
CA GLY A 118 -4.07 0.86 -27.19
C GLY A 118 -2.92 1.45 -26.38
N LEU A 119 -2.54 2.67 -26.59
CA LEU A 119 -1.40 3.31 -25.93
C LEU A 119 -1.67 3.65 -24.45
N ARG A 120 -0.75 3.27 -23.56
CA ARG A 120 -1.08 3.58 -22.17
C ARG A 120 -1.93 2.51 -21.45
N ARG A 121 -2.49 1.57 -22.19
CA ARG A 121 -3.33 0.52 -21.57
C ARG A 121 -2.42 -0.51 -20.88
N THR A 122 -3.02 -1.18 -19.92
CA THR A 122 -2.32 -2.14 -19.06
C THR A 122 -1.71 -3.27 -19.84
N ALA A 123 -2.45 -4.26 -20.31
CA ALA A 123 -1.90 -5.43 -21.00
C ALA A 123 -1.40 -5.15 -22.40
N GLY A 124 -2.01 -4.06 -22.91
CA GLY A 124 -1.74 -3.62 -24.30
C GLY A 124 -0.42 -2.86 -24.46
N TRP A 125 -0.09 -1.97 -23.54
CA TRP A 125 1.14 -1.21 -23.61
C TRP A 125 2.05 -1.37 -22.39
N ASN A 126 1.56 -0.86 -21.29
CA ASN A 126 2.32 -0.82 -20.04
C ASN A 126 3.13 -2.02 -19.67
N VAL A 127 2.59 -3.20 -19.74
CA VAL A 127 3.26 -4.46 -19.41
C VAL A 127 4.20 -4.94 -20.46
N PRO A 128 3.71 -5.11 -21.72
CA PRO A 128 4.55 -5.69 -22.80
C PRO A 128 5.76 -4.80 -23.04
N ILE A 129 5.55 -3.52 -23.02
CA ILE A 129 6.66 -2.59 -23.21
C ILE A 129 7.61 -2.62 -21.98
N GLY A 130 7.06 -2.55 -20.77
CA GLY A 130 7.76 -2.58 -19.52
C GLY A 130 8.47 -3.94 -19.57
N THR A 131 7.87 -4.98 -20.13
CA THR A 131 8.56 -6.24 -20.20
C THR A 131 9.72 -6.38 -21.14
N LEU A 132 9.72 -5.76 -22.29
CA LEU A 132 10.80 -5.92 -23.25
C LEU A 132 11.83 -4.78 -23.18
N ARG A 133 11.72 -3.86 -22.22
CA ARG A 133 12.66 -2.76 -22.13
C ARG A 133 14.10 -3.12 -22.53
N PRO A 134 14.56 -4.23 -22.01
CA PRO A 134 15.89 -4.77 -22.28
C PRO A 134 16.33 -4.69 -23.74
N PHE A 135 15.49 -5.31 -24.58
CA PHE A 135 15.68 -5.44 -26.01
C PHE A 135 15.54 -4.17 -26.84
N LEU A 136 14.90 -3.21 -26.30
CA LEU A 136 14.67 -1.97 -27.04
C LEU A 136 15.87 -1.05 -27.22
N ASN A 137 17.04 -1.25 -26.67
CA ASN A 137 18.20 -0.34 -26.74
C ASN A 137 17.68 1.08 -26.53
N TRP A 138 16.77 1.35 -25.57
CA TRP A 138 16.26 2.75 -25.47
C TRP A 138 17.21 3.63 -24.66
N THR A 139 17.37 4.79 -25.23
CA THR A 139 18.16 5.90 -24.75
C THR A 139 17.53 6.58 -23.54
N GLY A 140 16.21 6.73 -23.44
CA GLY A 140 15.67 7.38 -22.23
C GLY A 140 15.37 8.80 -22.69
N PRO A 141 14.67 9.48 -21.81
CA PRO A 141 14.24 10.87 -22.07
C PRO A 141 15.35 11.70 -22.71
N PRO A 142 14.97 12.63 -23.57
CA PRO A 142 13.60 12.97 -23.95
C PRO A 142 13.04 12.21 -25.11
N GLU A 143 13.72 11.16 -25.52
CA GLU A 143 13.23 10.37 -26.67
C GLU A 143 12.09 9.52 -26.23
N PRO A 144 10.80 9.74 -26.57
CA PRO A 144 9.82 8.84 -26.17
C PRO A 144 10.04 7.41 -26.38
N ILE A 145 9.72 6.61 -25.40
CA ILE A 145 9.95 5.15 -25.62
C ILE A 145 9.25 4.65 -26.88
N GLU A 146 8.23 5.34 -27.34
CA GLU A 146 7.45 4.98 -28.52
C GLU A 146 8.43 4.85 -29.67
N ALA A 147 9.30 5.85 -29.66
CA ALA A 147 10.31 5.84 -30.78
C ALA A 147 11.13 4.56 -30.76
N ALA A 148 11.49 4.06 -29.60
CA ALA A 148 12.25 2.82 -29.43
C ALA A 148 11.50 1.55 -29.82
N VAL A 149 10.16 1.64 -29.69
CA VAL A 149 9.19 0.50 -29.96
C VAL A 149 8.93 0.37 -31.49
N ALA A 150 8.80 1.56 -32.05
CA ALA A 150 8.62 1.85 -33.49
C ALA A 150 9.83 1.31 -34.28
N ARG A 151 11.04 1.29 -33.66
CA ARG A 151 12.32 0.80 -34.16
C ARG A 151 12.50 -0.65 -33.79
N PHE A 152 11.67 -1.20 -32.91
CA PHE A 152 11.79 -2.64 -32.49
C PHE A 152 11.02 -3.63 -33.37
N PHE A 153 9.73 -3.24 -33.51
CA PHE A 153 8.94 -4.12 -34.40
C PHE A 153 8.82 -3.37 -35.75
N SER A 154 8.66 -4.20 -36.74
CA SER A 154 8.46 -3.82 -38.14
C SER A 154 7.25 -2.90 -38.38
N ALA A 155 6.02 -3.32 -38.03
CA ALA A 155 4.83 -2.46 -38.17
C ALA A 155 3.98 -2.90 -36.97
N SER A 156 3.15 -2.02 -36.48
CA SER A 156 2.30 -2.34 -35.35
C SER A 156 0.96 -1.63 -35.38
N CYS A 157 0.02 -2.14 -34.57
CA CYS A 157 -1.19 -1.30 -34.45
C CYS A 157 -1.23 -0.92 -32.94
N VAL A 158 -1.29 0.33 -32.57
CA VAL A 158 -1.38 0.93 -31.28
C VAL A 158 -2.31 2.14 -31.31
N PRO A 159 -3.59 1.90 -31.15
CA PRO A 159 -4.63 2.92 -31.11
C PRO A 159 -4.06 4.07 -30.36
N GLY A 160 -4.35 5.30 -30.55
CA GLY A 160 -3.81 6.41 -29.82
C GLY A 160 -2.34 6.63 -30.20
N ALA A 161 -1.41 5.82 -30.71
CA ALA A 161 -0.02 6.31 -30.95
C ALA A 161 -0.05 7.51 -31.88
N ASP A 162 0.99 8.34 -31.95
CA ASP A 162 1.09 9.55 -32.83
C ASP A 162 1.56 9.10 -34.25
N LYS A 163 0.57 9.13 -35.17
CA LYS A 163 0.60 8.76 -36.59
C LYS A 163 1.84 9.28 -37.31
N GLY A 164 1.84 10.58 -37.06
CA GLY A 164 2.80 11.56 -37.50
C GLY A 164 4.22 11.25 -36.98
N GLN A 165 4.45 11.37 -35.67
CA GLN A 165 5.82 11.12 -35.10
C GLN A 165 6.25 9.66 -35.27
N PHE A 166 5.31 8.85 -34.84
CA PHE A 166 5.40 7.36 -34.74
C PHE A 166 4.55 6.64 -35.83
N PRO A 167 4.98 6.74 -37.10
CA PRO A 167 4.28 6.15 -38.27
C PRO A 167 3.93 4.69 -38.23
N ASN A 168 4.85 3.89 -37.84
CA ASN A 168 4.88 2.44 -37.75
C ASN A 168 4.03 1.69 -36.69
N LEU A 169 3.66 2.47 -35.68
CA LEU A 169 2.87 2.13 -34.51
C LEU A 169 1.41 2.04 -34.91
N CYS A 170 1.04 2.81 -35.92
CA CYS A 170 -0.31 2.93 -36.53
C CYS A 170 -0.40 2.11 -37.82
N ARG A 171 0.79 1.89 -38.28
CA ARG A 171 0.99 1.14 -39.51
C ARG A 171 -0.16 0.16 -39.72
N LEU A 172 -0.26 -0.87 -38.90
CA LEU A 172 -1.30 -1.88 -39.18
C LEU A 172 -2.71 -1.51 -38.59
N CYS A 173 -2.95 -0.27 -38.11
CA CYS A 173 -4.34 0.10 -37.70
C CYS A 173 -5.13 -0.16 -38.98
N ALA A 174 -6.40 -0.54 -38.83
CA ALA A 174 -7.29 -0.86 -39.95
C ALA A 174 -8.34 0.23 -40.16
N GLY A 175 -8.45 1.26 -39.38
CA GLY A 175 -9.39 2.35 -39.52
C GLY A 175 -9.11 3.06 -40.88
N THR A 176 -10.18 3.77 -41.26
CA THR A 176 -10.26 4.55 -42.52
C THR A 176 -10.11 6.07 -42.45
N GLY A 177 -8.93 6.51 -42.87
CA GLY A 177 -8.71 7.94 -42.83
C GLY A 177 -8.40 8.57 -41.50
N GLU A 178 -9.19 9.54 -41.05
CA GLU A 178 -8.78 10.18 -39.78
C GLU A 178 -8.95 9.17 -38.64
N ASN A 179 -9.69 8.11 -38.96
CA ASN A 179 -9.95 7.02 -38.04
C ASN A 179 -8.84 5.96 -38.01
N LYS A 180 -7.82 6.08 -38.82
CA LYS A 180 -6.78 5.04 -38.81
C LYS A 180 -6.05 5.06 -37.47
N CYS A 181 -6.01 3.92 -36.76
CA CYS A 181 -5.28 3.93 -35.48
C CYS A 181 -5.67 4.96 -34.43
N ALA A 182 -6.95 5.07 -34.12
CA ALA A 182 -7.61 5.93 -33.12
C ALA A 182 -7.95 5.13 -31.85
N PHE A 183 -8.19 5.83 -30.78
CA PHE A 183 -8.51 5.27 -29.47
C PHE A 183 -10.05 5.28 -29.32
N SER A 184 -10.62 4.49 -30.21
CA SER A 184 -12.07 4.36 -30.26
C SER A 184 -12.42 3.16 -31.14
N SER A 185 -13.73 2.95 -31.10
CA SER A 185 -14.36 1.86 -31.85
C SER A 185 -14.27 1.95 -33.35
N GLN A 186 -14.00 3.16 -33.81
CA GLN A 186 -13.89 3.51 -35.25
C GLN A 186 -12.71 2.78 -35.84
N GLU A 187 -11.97 2.17 -34.92
CA GLU A 187 -10.78 1.37 -35.20
C GLU A 187 -10.94 -0.11 -34.84
N PRO A 188 -11.23 -0.85 -35.91
CA PRO A 188 -11.43 -2.29 -35.89
C PRO A 188 -10.42 -2.98 -35.04
N TYR A 189 -9.28 -2.36 -34.84
CA TYR A 189 -8.16 -3.04 -34.17
C TYR A 189 -7.91 -2.59 -32.71
N PHE A 190 -8.78 -1.74 -32.20
CA PHE A 190 -8.75 -1.18 -30.81
C PHE A 190 -9.34 -2.21 -29.77
N SER A 191 -8.81 -1.99 -28.57
CA SER A 191 -9.14 -2.74 -27.38
C SER A 191 -8.73 -4.20 -27.57
N TYR A 192 -9.11 -4.98 -26.59
CA TYR A 192 -8.71 -6.42 -26.53
C TYR A 192 -9.10 -7.27 -27.73
N SER A 193 -10.30 -6.89 -28.14
CA SER A 193 -11.05 -7.40 -29.28
C SER A 193 -10.40 -6.95 -30.58
N GLY A 194 -10.25 -5.64 -30.80
CA GLY A 194 -9.55 -5.25 -32.04
C GLY A 194 -8.18 -5.92 -32.17
N ALA A 195 -7.40 -5.85 -31.07
CA ALA A 195 -6.05 -6.39 -31.06
C ALA A 195 -6.00 -7.84 -31.38
N PHE A 196 -6.95 -8.66 -30.90
CA PHE A 196 -6.94 -10.14 -31.22
C PHE A 196 -7.18 -10.48 -32.72
N LYS A 197 -8.03 -9.57 -33.25
CA LYS A 197 -8.52 -9.53 -34.63
C LYS A 197 -7.26 -9.27 -35.45
N CYS A 198 -6.66 -8.14 -35.10
CA CYS A 198 -5.37 -7.79 -35.78
C CYS A 198 -4.60 -9.09 -35.93
N LEU A 199 -4.47 -9.86 -34.86
CA LEU A 199 -3.71 -11.10 -34.91
C LEU A 199 -4.39 -12.05 -35.90
N ARG A 200 -5.69 -12.23 -35.60
CA ARG A 200 -6.43 -13.17 -36.48
C ARG A 200 -6.35 -12.96 -37.98
N ASP A 201 -6.50 -11.74 -38.41
CA ASP A 201 -6.42 -11.22 -39.77
C ASP A 201 -4.97 -11.27 -40.43
N GLY A 202 -3.97 -11.76 -39.69
CA GLY A 202 -2.58 -11.86 -40.10
C GLY A 202 -1.91 -10.50 -39.97
N ALA A 203 -2.62 -9.59 -39.58
CA ALA A 203 -2.02 -8.34 -39.55
C ALA A 203 -0.77 -8.36 -38.65
N GLY A 204 -0.83 -8.76 -37.39
CA GLY A 204 0.21 -8.84 -36.38
C GLY A 204 0.59 -10.34 -36.25
N ASP A 205 1.73 -10.49 -35.59
CA ASP A 205 2.39 -11.72 -35.25
C ASP A 205 2.11 -12.02 -33.75
N VAL A 206 1.80 -11.00 -33.00
CA VAL A 206 1.58 -11.21 -31.56
C VAL A 206 0.42 -10.38 -31.08
N ALA A 207 -0.47 -10.82 -30.21
CA ALA A 207 -1.46 -9.82 -29.73
C ALA A 207 -1.21 -9.61 -28.21
N PHE A 208 -1.22 -8.44 -27.67
CA PHE A 208 -0.97 -8.09 -26.29
C PHE A 208 -2.32 -7.68 -25.71
N ILE A 209 -2.89 -8.82 -25.23
CA ILE A 209 -4.26 -8.78 -24.57
C ILE A 209 -4.33 -9.43 -23.17
N ARG A 210 -5.60 -9.48 -22.72
CA ARG A 210 -6.08 -10.09 -21.47
C ARG A 210 -6.22 -11.57 -21.66
N GLU A 211 -6.29 -12.42 -20.64
CA GLU A 211 -6.36 -13.88 -20.86
C GLU A 211 -7.72 -14.42 -21.34
N SER A 212 -8.77 -13.66 -21.12
CA SER A 212 -10.13 -14.08 -21.48
C SER A 212 -10.54 -13.81 -22.91
N THR A 213 -10.01 -12.78 -23.57
CA THR A 213 -10.32 -12.45 -24.96
C THR A 213 -10.46 -13.64 -25.93
N VAL A 214 -9.56 -14.59 -26.02
CA VAL A 214 -9.62 -15.70 -26.97
C VAL A 214 -10.76 -16.61 -26.58
N PHE A 215 -11.13 -16.69 -25.31
CA PHE A 215 -12.25 -17.50 -24.88
C PHE A 215 -13.48 -16.66 -25.17
N GLU A 216 -13.47 -15.38 -24.92
CA GLU A 216 -14.65 -14.63 -25.21
C GLU A 216 -14.92 -14.58 -26.69
N ASP A 217 -13.98 -14.40 -27.58
CA ASP A 217 -14.15 -14.26 -29.03
C ASP A 217 -14.11 -15.44 -29.99
N LEU A 218 -13.64 -16.61 -29.70
CA LEU A 218 -13.53 -17.86 -30.43
C LEU A 218 -14.47 -18.94 -29.85
N SER A 219 -15.68 -19.04 -30.38
CA SER A 219 -16.69 -20.03 -29.96
C SER A 219 -16.28 -21.51 -29.98
N ASP A 220 -16.10 -22.04 -31.17
CA ASP A 220 -15.69 -23.45 -31.20
C ASP A 220 -14.38 -23.35 -30.40
N GLU A 221 -14.10 -24.36 -29.68
CA GLU A 221 -12.95 -24.54 -28.81
C GLU A 221 -11.77 -25.17 -29.59
N ALA A 222 -12.02 -25.61 -30.82
CA ALA A 222 -10.93 -26.14 -31.68
C ALA A 222 -10.40 -24.98 -32.53
N GLU A 223 -11.22 -23.95 -32.48
CA GLU A 223 -10.96 -22.64 -33.10
C GLU A 223 -9.86 -21.96 -32.27
N ARG A 224 -9.99 -22.15 -30.97
CA ARG A 224 -9.10 -21.64 -29.92
C ARG A 224 -7.77 -22.40 -29.97
N ASP A 225 -7.82 -23.61 -30.44
CA ASP A 225 -6.58 -24.37 -30.52
C ASP A 225 -5.67 -23.90 -31.62
N GLU A 226 -5.75 -22.67 -32.04
CA GLU A 226 -4.83 -22.27 -33.15
C GLU A 226 -3.82 -21.29 -32.59
N TYR A 227 -4.14 -20.97 -31.36
CA TYR A 227 -3.31 -20.06 -30.54
C TYR A 227 -2.63 -20.84 -29.40
N GLU A 228 -1.68 -20.12 -28.87
CA GLU A 228 -0.80 -20.46 -27.76
C GLU A 228 -0.34 -19.12 -27.19
N LEU A 229 0.33 -19.25 -26.09
CA LEU A 229 0.91 -18.10 -25.40
C LEU A 229 2.42 -18.25 -25.41
N LEU A 230 3.02 -17.09 -25.24
CA LEU A 230 4.43 -16.76 -25.15
C LEU A 230 4.64 -16.55 -23.64
N CYS A 231 5.34 -17.45 -22.98
CA CYS A 231 5.58 -17.30 -21.52
C CYS A 231 6.89 -16.53 -21.35
N PRO A 232 6.95 -15.89 -20.20
CA PRO A 232 8.08 -15.03 -19.82
C PRO A 232 9.44 -15.71 -19.63
N ASP A 233 9.38 -17.02 -19.63
CA ASP A 233 10.48 -17.95 -19.45
C ASP A 233 10.84 -18.52 -20.82
N ASN A 234 10.42 -17.79 -21.81
CA ASN A 234 10.61 -18.06 -23.24
C ASN A 234 10.04 -19.42 -23.62
N THR A 235 8.77 -19.52 -23.35
CA THR A 235 7.93 -20.69 -23.62
C THR A 235 6.64 -20.34 -24.26
N ARG A 236 6.11 -21.41 -24.75
CA ARG A 236 4.87 -21.41 -25.43
C ARG A 236 3.90 -22.36 -24.75
N LYS A 237 2.70 -21.96 -24.47
CA LYS A 237 1.72 -22.88 -23.85
C LYS A 237 0.25 -22.58 -24.22
N PRO A 238 -0.68 -23.55 -23.96
CA PRO A 238 -2.10 -23.39 -24.27
C PRO A 238 -2.64 -22.10 -23.67
N VAL A 239 -3.54 -21.57 -24.48
CA VAL A 239 -4.17 -20.31 -24.09
C VAL A 239 -4.82 -20.48 -22.71
N ASP A 240 -5.02 -21.71 -22.29
CA ASP A 240 -5.65 -21.85 -20.96
C ASP A 240 -4.63 -21.95 -19.83
N LYS A 241 -3.36 -22.21 -20.13
CA LYS A 241 -2.25 -22.27 -19.19
C LYS A 241 -1.81 -20.88 -18.75
N PHE A 242 -2.65 -19.90 -18.76
CA PHE A 242 -2.40 -18.52 -18.38
C PHE A 242 -2.02 -18.27 -16.93
N LYS A 243 -2.32 -19.06 -15.94
CA LYS A 243 -1.85 -18.75 -14.59
C LYS A 243 -0.32 -19.04 -14.62
N ASP A 244 0.19 -20.01 -15.36
CA ASP A 244 1.59 -20.37 -15.47
C ASP A 244 2.20 -19.57 -16.61
N CYS A 245 1.42 -18.84 -17.41
CA CYS A 245 2.09 -18.13 -18.56
C CYS A 245 1.48 -16.76 -18.79
N HIS A 246 2.01 -15.74 -18.14
CA HIS A 246 1.43 -14.40 -18.33
C HIS A 246 2.50 -13.34 -18.13
N LEU A 247 2.35 -12.15 -18.70
CA LEU A 247 3.41 -11.15 -18.56
C LEU A 247 3.27 -10.52 -17.19
N ALA A 248 2.00 -10.40 -16.81
CA ALA A 248 1.66 -9.80 -15.49
C ALA A 248 0.23 -10.14 -15.10
N ARG A 249 0.00 -9.82 -13.85
CA ARG A 249 -1.24 -9.97 -13.12
C ARG A 249 -1.47 -8.54 -12.67
N VAL A 250 -2.50 -7.97 -13.26
CA VAL A 250 -2.85 -6.56 -13.03
C VAL A 250 -4.24 -6.42 -12.42
N PRO A 251 -4.44 -5.28 -11.78
CA PRO A 251 -5.68 -4.90 -11.17
C PRO A 251 -6.78 -4.67 -12.21
N SER A 252 -8.02 -5.09 -11.91
CA SER A 252 -9.14 -4.93 -12.84
C SER A 252 -9.50 -3.45 -12.96
N HIS A 253 -10.23 -3.13 -14.02
CA HIS A 253 -10.69 -1.75 -14.25
C HIS A 253 -11.44 -1.29 -13.00
N ALA A 254 -11.49 0.00 -12.80
CA ALA A 254 -12.19 0.59 -11.64
C ALA A 254 -12.91 1.86 -12.06
N VAL A 255 -13.93 2.16 -11.32
CA VAL A 255 -14.84 3.29 -11.54
C VAL A 255 -14.10 4.33 -10.69
N VAL A 256 -13.88 5.55 -11.16
CA VAL A 256 -13.11 6.52 -10.32
C VAL A 256 -14.03 7.71 -10.17
N ALA A 257 -13.89 8.45 -9.09
CA ALA A 257 -14.74 9.62 -8.84
C ALA A 257 -13.77 10.59 -8.17
N ARG A 258 -14.26 11.76 -7.87
CA ARG A 258 -13.50 12.78 -7.15
C ARG A 258 -13.25 12.31 -5.76
N SER A 259 -12.19 12.78 -5.21
CA SER A 259 -11.87 12.37 -3.87
C SER A 259 -12.09 13.51 -2.91
N VAL A 260 -12.77 14.53 -3.37
CA VAL A 260 -13.05 15.64 -2.47
C VAL A 260 -14.49 15.57 -2.00
N ASN A 261 -15.39 15.83 -2.92
CA ASN A 261 -16.85 15.74 -2.62
C ASN A 261 -17.32 14.82 -3.76
N GLY A 262 -16.86 13.58 -3.79
CA GLY A 262 -17.11 12.66 -4.86
C GLY A 262 -18.37 11.90 -5.12
N LYS A 263 -19.30 11.94 -4.18
CA LYS A 263 -20.57 11.20 -4.30
C LYS A 263 -20.36 9.69 -4.43
N GLU A 264 -19.40 9.18 -3.67
CA GLU A 264 -18.95 7.79 -3.55
C GLU A 264 -20.06 6.80 -3.16
N ASP A 265 -20.94 7.21 -2.25
CA ASP A 265 -22.09 6.40 -1.85
C ASP A 265 -23.17 6.51 -2.97
N ALA A 266 -23.35 7.72 -3.49
CA ALA A 266 -24.35 7.85 -4.57
C ALA A 266 -24.00 6.77 -5.62
N ILE A 267 -22.73 6.85 -6.00
CA ILE A 267 -22.17 5.94 -7.02
C ILE A 267 -22.28 4.45 -6.66
N TRP A 268 -21.93 4.12 -5.40
CA TRP A 268 -21.94 2.74 -4.89
C TRP A 268 -23.37 2.23 -4.98
N ASN A 269 -24.33 2.91 -4.43
CA ASN A 269 -25.75 2.49 -4.51
C ASN A 269 -26.22 2.22 -5.96
N LEU A 270 -26.09 3.30 -6.75
CA LEU A 270 -26.47 3.02 -8.16
C LEU A 270 -25.77 1.77 -8.62
N LEU A 271 -24.49 1.50 -8.48
CA LEU A 271 -23.84 0.28 -8.99
C LEU A 271 -24.34 -1.04 -8.41
N ARG A 272 -24.52 -0.91 -7.10
CA ARG A 272 -25.01 -2.00 -6.25
C ARG A 272 -26.36 -2.50 -6.75
N GLN A 273 -27.22 -1.55 -7.16
CA GLN A 273 -28.54 -1.92 -7.67
C GLN A 273 -28.62 -2.54 -9.06
N ALA A 274 -28.10 -1.77 -9.99
CA ALA A 274 -28.03 -2.05 -11.42
C ALA A 274 -27.52 -3.46 -11.60
N GLN A 275 -26.56 -3.69 -10.76
CA GLN A 275 -25.85 -4.98 -10.79
C GLN A 275 -26.82 -6.11 -10.33
N GLU A 276 -27.78 -5.71 -9.50
CA GLU A 276 -28.82 -6.62 -8.95
C GLU A 276 -29.85 -6.95 -10.04
N LYS A 277 -30.47 -5.89 -10.52
CA LYS A 277 -31.48 -5.94 -11.59
C LYS A 277 -30.85 -6.48 -12.83
N PHE A 278 -29.98 -5.63 -13.40
CA PHE A 278 -29.29 -6.01 -14.66
C PHE A 278 -27.93 -6.67 -14.73
N GLY A 279 -27.46 -7.30 -13.71
CA GLY A 279 -26.15 -7.95 -13.72
C GLY A 279 -26.22 -9.22 -14.56
N LYS A 280 -25.14 -9.97 -14.44
CA LYS A 280 -25.05 -11.26 -15.19
C LYS A 280 -26.43 -11.93 -15.17
N ASP A 281 -26.85 -12.36 -16.34
CA ASP A 281 -28.12 -13.03 -16.61
C ASP A 281 -29.32 -12.79 -15.72
N LYS A 282 -29.89 -11.60 -15.79
CA LYS A 282 -31.10 -11.23 -15.04
C LYS A 282 -31.56 -9.89 -15.61
N SER A 283 -32.78 -9.84 -16.02
CA SER A 283 -33.63 -8.82 -16.62
C SER A 283 -33.36 -8.29 -18.04
N PRO A 284 -33.63 -9.14 -19.04
CA PRO A 284 -33.47 -8.91 -20.48
C PRO A 284 -33.75 -7.51 -20.98
N LYS A 285 -34.66 -6.86 -20.32
CA LYS A 285 -34.97 -5.46 -20.66
C LYS A 285 -33.68 -4.72 -21.03
N PHE A 286 -32.60 -4.90 -20.29
CA PHE A 286 -31.25 -4.37 -20.32
C PHE A 286 -30.19 -5.36 -19.87
N GLN A 287 -28.94 -5.03 -20.06
CA GLN A 287 -27.77 -5.87 -19.67
C GLN A 287 -26.60 -4.95 -19.30
N LEU A 288 -26.28 -4.84 -18.05
CA LEU A 288 -25.16 -3.88 -17.81
C LEU A 288 -23.84 -4.39 -18.37
N PHE A 289 -23.55 -5.65 -18.37
CA PHE A 289 -22.29 -6.19 -18.82
C PHE A 289 -22.30 -6.91 -20.14
N GLY A 290 -23.06 -6.36 -21.06
CA GLY A 290 -23.19 -6.89 -22.47
C GLY A 290 -23.26 -5.69 -23.45
N SER A 291 -22.81 -5.92 -24.69
CA SER A 291 -22.77 -4.89 -25.77
C SER A 291 -23.41 -5.31 -27.10
N PRO A 292 -24.30 -4.51 -27.65
CA PRO A 292 -24.99 -4.76 -28.90
C PRO A 292 -24.05 -5.34 -29.95
N SER A 293 -24.35 -6.47 -30.54
CA SER A 293 -23.49 -7.12 -31.57
C SER A 293 -22.41 -6.23 -32.23
N GLY A 294 -22.67 -4.95 -32.36
CA GLY A 294 -21.73 -4.05 -33.05
C GLY A 294 -20.52 -3.69 -32.16
N GLN A 295 -20.86 -3.16 -31.00
CA GLN A 295 -19.90 -2.66 -30.01
C GLN A 295 -19.37 -3.77 -29.11
N LYS A 296 -18.45 -3.33 -28.26
CA LYS A 296 -17.77 -4.21 -27.29
C LYS A 296 -17.35 -3.40 -26.06
N ASP A 297 -17.57 -4.01 -24.91
CA ASP A 297 -17.23 -3.42 -23.61
C ASP A 297 -17.84 -2.04 -23.47
N LEU A 298 -19.14 -1.93 -23.59
CA LEU A 298 -19.71 -0.58 -23.47
C LEU A 298 -19.93 -0.27 -22.01
N LEU A 299 -19.29 0.82 -21.59
CA LEU A 299 -19.31 1.45 -20.26
C LEU A 299 -18.59 0.70 -19.16
N PHE A 300 -18.56 -0.58 -19.36
CA PHE A 300 -17.98 -1.62 -18.56
C PHE A 300 -17.72 -2.81 -19.49
N LYS A 301 -16.86 -3.65 -18.94
CA LYS A 301 -16.39 -4.88 -19.55
C LYS A 301 -17.37 -6.02 -19.74
N ASP A 302 -17.33 -6.39 -21.01
CA ASP A 302 -18.25 -7.50 -21.35
C ASP A 302 -17.83 -8.65 -20.44
N SER A 303 -18.96 -9.11 -19.86
CA SER A 303 -18.80 -10.29 -18.95
C SER A 303 -18.14 -10.06 -17.62
N ALA A 304 -18.22 -8.84 -17.09
CA ALA A 304 -17.72 -8.51 -15.72
C ALA A 304 -18.87 -9.24 -14.95
N ILE A 305 -18.82 -9.59 -13.67
CA ILE A 305 -19.91 -10.25 -12.92
C ILE A 305 -20.47 -9.31 -11.85
N GLY A 306 -19.91 -8.16 -11.61
CA GLY A 306 -20.34 -7.16 -10.61
C GLY A 306 -19.05 -6.32 -10.36
N PHE A 307 -19.28 -5.48 -9.38
CA PHE A 307 -18.41 -4.49 -8.71
C PHE A 307 -18.00 -4.98 -7.32
N SER A 308 -16.89 -4.46 -6.91
CA SER A 308 -16.28 -4.71 -5.58
C SER A 308 -15.92 -3.35 -5.07
N ARG A 309 -16.37 -2.88 -3.96
CA ARG A 309 -16.14 -1.53 -3.39
C ARG A 309 -14.71 -1.33 -2.88
N VAL A 310 -14.07 -0.24 -3.32
CA VAL A 310 -12.69 0.06 -2.90
C VAL A 310 -12.71 0.88 -1.60
N PRO A 311 -12.21 0.18 -0.59
CA PRO A 311 -12.04 0.76 0.77
C PRO A 311 -11.42 2.14 0.66
N PRO A 312 -11.91 3.11 1.44
CA PRO A 312 -11.44 4.50 1.40
C PRO A 312 -9.97 4.78 1.60
N ARG A 313 -9.24 3.88 2.30
CA ARG A 313 -7.80 4.29 2.38
C ARG A 313 -7.04 4.20 1.02
N ILE A 314 -7.63 3.50 0.04
CA ILE A 314 -7.02 3.30 -1.26
C ILE A 314 -7.09 4.39 -2.31
N ASP A 315 -5.89 4.55 -2.82
CA ASP A 315 -5.73 5.57 -3.90
C ASP A 315 -5.21 4.91 -5.15
N SER A 316 -4.95 5.78 -6.13
CA SER A 316 -4.44 5.24 -7.44
C SER A 316 -3.23 4.38 -7.16
N GLY A 317 -2.38 5.13 -6.45
CA GLY A 317 -1.15 4.40 -6.09
C GLY A 317 -1.35 3.06 -5.43
N LEU A 318 -2.02 2.98 -4.28
CA LEU A 318 -2.24 1.69 -3.59
C LEU A 318 -3.05 0.71 -4.45
N TYR A 319 -3.99 1.33 -5.25
CA TYR A 319 -4.86 0.57 -6.17
C TYR A 319 -3.99 -0.18 -7.17
N LEU A 320 -3.03 0.63 -7.72
CA LEU A 320 -2.17 -0.07 -8.69
C LEU A 320 -1.18 -1.06 -8.13
N GLY A 321 -0.78 -0.91 -6.87
CA GLY A 321 0.25 -1.96 -6.45
C GLY A 321 1.59 -1.31 -6.75
N SER A 322 2.58 -1.60 -5.95
CA SER A 322 3.87 -0.98 -6.17
C SER A 322 4.55 -1.46 -7.40
N GLY A 323 4.47 -2.75 -7.56
CA GLY A 323 5.04 -3.37 -8.73
C GLY A 323 4.65 -2.54 -9.96
N TYR A 324 3.34 -2.49 -10.28
CA TYR A 324 2.72 -1.80 -11.39
C TYR A 324 2.86 -0.28 -11.40
N PHE A 325 2.34 0.31 -10.35
CA PHE A 325 2.46 1.77 -10.23
C PHE A 325 3.85 2.37 -10.61
N THR A 326 4.86 1.72 -10.08
CA THR A 326 6.26 2.02 -10.21
C THR A 326 6.66 1.75 -11.64
N ALA A 327 6.03 0.71 -12.13
CA ALA A 327 6.30 0.29 -13.52
C ALA A 327 5.83 1.34 -14.54
N ILE A 328 4.77 2.07 -14.28
CA ILE A 328 4.25 3.08 -15.18
C ILE A 328 5.23 4.26 -15.07
N GLN A 329 5.64 4.58 -13.85
CA GLN A 329 6.57 5.75 -13.79
C GLN A 329 7.90 5.23 -14.32
N ASN A 330 8.48 4.10 -14.14
CA ASN A 330 9.70 3.81 -14.83
C ASN A 330 9.64 3.94 -16.36
N LEU A 331 8.51 4.10 -17.04
CA LEU A 331 8.54 4.14 -18.49
C LEU A 331 8.97 5.51 -18.99
N ARG A 332 9.09 6.40 -18.05
CA ARG A 332 9.48 7.80 -18.25
C ARG A 332 10.82 8.13 -17.54
N LYS A 333 11.58 7.05 -17.52
CA LYS A 333 12.88 7.07 -16.85
C LYS A 333 14.00 6.44 -17.62
N SER A 334 15.21 6.90 -17.40
CA SER A 334 16.41 6.36 -18.04
C SER A 334 16.64 5.05 -17.30
N GLU A 335 17.40 4.15 -17.82
CA GLU A 335 17.73 2.92 -17.10
C GLU A 335 18.80 3.27 -16.07
N GLU A 336 19.17 4.53 -15.93
CA GLU A 336 20.19 5.05 -15.01
C GLU A 336 19.42 5.62 -13.81
N GLU A 337 18.52 6.49 -14.19
CA GLU A 337 17.70 7.06 -13.10
C GLU A 337 17.03 5.82 -12.50
N VAL A 338 16.45 4.92 -13.23
CA VAL A 338 15.81 3.73 -12.65
C VAL A 338 16.81 2.94 -11.85
N ALA A 339 18.09 2.80 -12.21
CA ALA A 339 18.96 1.95 -11.32
C ALA A 339 19.46 2.69 -10.08
N ALA A 340 19.43 4.03 -10.24
CA ALA A 340 19.85 4.87 -9.13
C ALA A 340 18.82 4.62 -8.02
N ARG A 341 17.55 4.79 -8.29
CA ARG A 341 16.45 4.61 -7.36
C ARG A 341 16.44 3.25 -6.64
N ARG A 342 16.84 2.25 -7.35
CA ARG A 342 16.92 0.92 -6.83
C ARG A 342 17.97 0.76 -5.76
N ALA A 343 19.16 1.27 -5.98
CA ALA A 343 20.29 1.15 -5.02
C ALA A 343 20.19 1.95 -3.73
N ARG A 344 19.48 3.04 -3.80
CA ARG A 344 19.15 4.05 -2.86
C ARG A 344 18.11 3.53 -1.90
N VAL A 345 18.25 3.85 -0.64
CA VAL A 345 17.22 3.44 0.32
C VAL A 345 16.37 4.67 0.73
N VAL A 346 15.01 4.59 0.56
CA VAL A 346 14.21 5.76 1.03
C VAL A 346 13.62 5.49 2.40
N TRP A 347 14.00 6.20 3.43
CA TRP A 347 13.57 6.01 4.81
C TRP A 347 12.27 6.78 5.02
N CYS A 348 11.38 6.24 5.82
CA CYS A 348 10.14 7.01 6.09
C CYS A 348 10.27 7.49 7.55
N ALA A 349 10.22 8.74 7.87
CA ALA A 349 10.30 9.48 9.06
C ALA A 349 8.90 9.90 9.49
N VAL A 350 8.50 9.65 10.71
CA VAL A 350 7.18 9.98 11.30
C VAL A 350 7.31 11.33 12.03
N GLY A 351 6.77 12.43 11.46
CA GLY A 351 6.85 13.74 12.15
C GLY A 351 8.19 14.39 11.74
N GLU A 352 8.23 15.66 12.08
CA GLU A 352 9.32 16.61 11.79
C GLU A 352 10.69 16.29 12.38
N GLN A 353 10.61 15.95 13.68
CA GLN A 353 11.88 15.67 14.38
C GLN A 353 12.61 14.46 13.85
N GLU A 354 11.88 13.42 13.49
CA GLU A 354 12.57 12.26 12.88
C GLU A 354 13.10 12.63 11.50
N LEU A 355 12.49 13.60 10.79
CA LEU A 355 12.91 13.98 9.42
C LEU A 355 14.26 14.68 9.51
N ARG A 356 14.33 15.55 10.51
CA ARG A 356 15.56 16.28 10.83
C ARG A 356 16.73 15.35 10.95
N LYS A 357 16.52 14.32 11.72
CA LYS A 357 17.57 13.37 11.94
C LYS A 357 17.77 12.54 10.69
N CYS A 358 16.70 12.35 9.94
CA CYS A 358 16.79 11.62 8.69
C CYS A 358 17.65 12.45 7.72
N ASN A 359 17.29 13.68 7.43
CA ASN A 359 18.00 14.64 6.52
C ASN A 359 19.49 14.50 6.79
N GLN A 360 19.65 14.76 8.07
CA GLN A 360 20.97 14.71 8.74
C GLN A 360 21.80 13.47 8.47
N TRP A 361 21.22 12.32 8.54
CA TRP A 361 21.81 11.02 8.29
C TRP A 361 22.06 10.81 6.80
N SER A 362 21.10 11.35 6.06
CA SER A 362 21.01 11.29 4.62
C SER A 362 22.27 12.00 4.11
N GLY A 363 22.36 13.26 4.59
CA GLY A 363 23.48 14.11 4.19
C GLY A 363 24.82 13.42 4.27
N LEU A 364 25.10 12.54 5.21
CA LEU A 364 26.26 11.75 5.56
C LEU A 364 26.28 10.34 4.98
N SER A 365 25.27 9.98 4.16
CA SER A 365 25.23 8.59 3.69
C SER A 365 25.93 8.31 2.38
N GLU A 366 26.57 9.28 1.72
CA GLU A 366 27.22 9.04 0.41
C GLU A 366 26.23 8.55 -0.64
N GLY A 367 25.09 9.16 -0.61
CA GLY A 367 23.82 9.12 -1.28
C GLY A 367 23.03 7.85 -1.20
N SER A 368 23.35 6.95 -0.30
CA SER A 368 22.70 5.65 -0.10
C SER A 368 21.35 5.75 0.63
N VAL A 369 21.25 6.82 1.38
CA VAL A 369 20.05 7.04 2.16
C VAL A 369 19.43 8.42 1.91
N THR A 370 18.14 8.31 1.51
CA THR A 370 17.39 9.57 1.30
C THR A 370 16.21 9.51 2.21
N CYS A 371 15.47 10.49 2.56
CA CYS A 371 14.33 10.49 3.44
C CYS A 371 12.95 10.84 2.91
N SER A 372 11.95 10.24 3.54
CA SER A 372 10.54 10.48 3.21
C SER A 372 9.83 10.81 4.53
N SER A 373 8.61 11.34 4.42
CA SER A 373 7.99 11.65 5.72
C SER A 373 6.48 11.49 5.58
N ALA A 374 5.76 11.40 6.65
CA ALA A 374 4.34 11.26 6.92
C ALA A 374 4.18 11.60 8.43
N SER A 375 2.94 11.84 8.79
CA SER A 375 2.60 12.24 10.17
C SER A 375 2.34 11.04 11.09
N THR A 376 1.99 9.92 10.54
CA THR A 376 1.73 8.72 11.30
C THR A 376 2.51 7.66 10.56
N THR A 377 2.65 6.54 11.26
CA THR A 377 3.27 5.27 10.92
C THR A 377 2.50 4.54 9.82
N GLU A 378 1.20 4.58 9.96
CA GLU A 378 0.30 3.97 9.00
C GLU A 378 0.49 4.64 7.63
N ASP A 379 0.53 5.98 7.63
CA ASP A 379 0.77 6.80 6.41
C ASP A 379 2.13 6.45 5.81
N CYS A 380 3.07 6.16 6.76
CA CYS A 380 4.41 5.79 6.32
C CYS A 380 4.39 4.41 5.72
N ILE A 381 3.59 3.49 6.25
CA ILE A 381 3.43 2.11 5.74
C ILE A 381 2.86 2.20 4.31
N ALA A 382 1.88 3.05 4.09
CA ALA A 382 1.31 3.28 2.77
C ALA A 382 2.36 3.78 1.77
N LEU A 383 3.19 4.85 2.02
CA LEU A 383 4.21 5.23 1.04
C LEU A 383 5.10 4.03 0.78
N VAL A 384 5.33 3.07 1.65
CA VAL A 384 6.25 1.98 1.25
C VAL A 384 5.55 1.07 0.26
N LEU A 385 4.24 1.09 0.39
CA LEU A 385 3.41 0.21 -0.50
C LEU A 385 3.53 0.82 -1.91
N LYS A 386 3.34 2.11 -1.98
CA LYS A 386 3.39 2.92 -3.17
C LYS A 386 4.78 2.91 -3.78
N GLY A 387 5.73 2.24 -3.13
CA GLY A 387 7.13 2.05 -3.46
C GLY A 387 7.80 3.44 -3.33
N GLU A 388 7.05 4.40 -2.78
CA GLU A 388 7.62 5.75 -2.63
C GLU A 388 8.56 6.08 -1.48
N ALA A 389 8.74 5.15 -0.59
CA ALA A 389 9.55 5.10 0.63
C ALA A 389 9.90 3.64 0.69
N ASP A 390 10.93 3.30 1.38
CA ASP A 390 11.32 1.92 1.36
C ASP A 390 11.36 1.27 2.73
N ALA A 391 11.64 1.98 3.81
CA ALA A 391 11.75 1.30 5.15
C ALA A 391 11.63 2.30 6.28
N MET A 392 11.43 1.65 7.45
CA MET A 392 11.25 2.28 8.77
C MET A 392 11.40 1.18 9.83
N SER A 393 11.78 1.62 11.03
CA SER A 393 11.93 0.70 12.16
C SER A 393 10.50 0.76 12.81
N LEU A 394 9.96 -0.39 13.11
CA LEU A 394 8.64 -0.33 13.80
C LEU A 394 8.52 -1.20 15.03
N ASP A 395 7.60 -0.77 15.86
CA ASP A 395 7.22 -1.51 17.05
C ASP A 395 6.44 -2.74 16.55
N GLY A 396 6.55 -3.85 17.28
CA GLY A 396 5.90 -5.14 16.90
C GLY A 396 4.42 -4.95 16.50
N GLY A 397 3.61 -4.12 17.13
CA GLY A 397 2.22 -3.88 16.82
C GLY A 397 2.03 -3.58 15.32
N TYR A 398 2.88 -2.68 14.85
CA TYR A 398 2.87 -2.19 13.46
C TYR A 398 3.51 -3.20 12.49
N VAL A 399 4.39 -4.04 13.01
CA VAL A 399 5.01 -5.09 12.17
C VAL A 399 3.91 -6.08 11.75
N TYR A 400 2.84 -6.10 12.59
CA TYR A 400 1.71 -6.99 12.35
C TYR A 400 0.95 -6.38 11.15
N THR A 401 0.66 -5.11 11.40
CA THR A 401 -0.06 -4.50 10.30
C THR A 401 0.68 -4.39 8.98
N ALA A 402 2.00 -4.11 8.99
CA ALA A 402 2.70 -3.98 7.73
C ALA A 402 2.71 -5.29 7.00
N GLY A 403 2.73 -6.19 7.98
CA GLY A 403 2.84 -7.64 7.76
C GLY A 403 1.63 -8.12 6.92
N LYS A 404 0.47 -7.73 7.39
CA LYS A 404 -0.81 -7.99 6.72
C LYS A 404 -0.71 -7.29 5.36
N CYS A 405 -0.05 -6.12 5.34
CA CYS A 405 0.13 -5.35 4.11
C CYS A 405 1.17 -6.02 3.23
N GLY A 406 1.75 -7.11 3.58
CA GLY A 406 2.70 -7.82 2.76
C GLY A 406 4.11 -7.37 2.97
N LEU A 407 4.47 -6.48 3.91
CA LEU A 407 5.90 -6.08 4.03
C LEU A 407 6.68 -7.12 4.81
N VAL A 408 8.01 -7.30 4.74
CA VAL A 408 8.60 -8.30 5.67
C VAL A 408 9.62 -7.66 6.63
N PRO A 409 9.83 -8.29 7.82
CA PRO A 409 10.86 -7.83 8.76
C PRO A 409 12.24 -7.98 8.04
N VAL A 410 13.17 -6.98 8.16
CA VAL A 410 14.52 -7.15 7.51
C VAL A 410 15.58 -7.36 8.59
N LEU A 411 15.72 -6.49 9.59
CA LEU A 411 16.69 -6.57 10.69
C LEU A 411 15.89 -6.17 11.95
N ALA A 412 16.35 -6.64 13.08
CA ALA A 412 15.61 -6.25 14.29
C ALA A 412 16.36 -5.30 15.17
N GLU A 413 15.81 -4.40 16.00
CA GLU A 413 16.80 -3.60 16.84
C GLU A 413 17.33 -4.50 18.00
N ASN A 414 18.63 -4.64 18.24
CA ASN A 414 19.28 -5.41 19.30
C ASN A 414 19.59 -4.48 20.51
N TYR A 415 19.24 -4.97 21.71
CA TYR A 415 19.52 -4.26 22.98
C TYR A 415 20.37 -5.22 23.96
N LYS A 416 20.87 -4.54 24.96
CA LYS A 416 21.79 -5.04 26.00
C LYS A 416 21.37 -6.32 26.55
N SER A 417 22.12 -7.22 26.05
CA SER A 417 22.02 -8.62 26.29
C SER A 417 21.52 -8.98 27.67
N GLN A 418 21.16 -10.25 27.66
CA GLN A 418 20.77 -10.98 28.84
C GLN A 418 22.00 -11.01 29.68
N GLN A 419 22.74 -9.99 29.37
CA GLN A 419 24.01 -9.77 29.97
C GLN A 419 24.87 -10.96 29.53
N SER A 420 24.94 -11.10 28.19
CA SER A 420 25.71 -12.18 27.47
C SER A 420 27.12 -11.69 27.16
N SER A 421 27.16 -10.65 26.33
CA SER A 421 28.44 -10.03 25.98
C SER A 421 28.63 -8.67 26.62
N ASP A 422 29.78 -8.20 26.20
CA ASP A 422 30.29 -6.88 26.44
C ASP A 422 29.81 -6.08 25.28
N PRO A 423 30.32 -4.91 25.02
CA PRO A 423 29.94 -4.13 23.80
C PRO A 423 30.22 -5.22 22.77
N ASP A 424 29.15 -6.02 22.53
CA ASP A 424 29.25 -7.29 21.89
C ASP A 424 29.65 -7.11 20.50
N PRO A 425 30.84 -7.56 20.18
CA PRO A 425 31.32 -7.44 18.87
C PRO A 425 30.51 -8.30 17.87
N ASN A 426 29.70 -9.12 18.56
CA ASN A 426 28.86 -10.06 17.80
C ASN A 426 27.39 -9.64 17.90
N CYS A 427 27.09 -8.35 17.95
CA CYS A 427 25.66 -7.97 18.04
C CYS A 427 24.92 -8.01 16.72
N VAL A 428 25.38 -8.61 15.63
CA VAL A 428 24.69 -8.63 14.31
C VAL A 428 24.14 -10.06 14.27
N ASP A 429 24.83 -10.98 14.94
CA ASP A 429 24.27 -12.36 14.92
C ASP A 429 23.71 -12.76 16.28
N ARG A 430 23.73 -11.90 17.26
CA ARG A 430 23.13 -12.29 18.56
C ARG A 430 21.61 -12.17 18.28
N PRO A 431 20.89 -13.27 18.57
CA PRO A 431 19.44 -13.34 18.38
C PRO A 431 18.97 -12.36 19.46
N VAL A 432 17.84 -11.81 19.07
CA VAL A 432 17.13 -10.79 19.84
C VAL A 432 16.53 -11.55 21.02
N GLU A 433 16.19 -10.74 21.99
CA GLU A 433 15.60 -11.34 23.18
C GLU A 433 14.33 -10.58 23.49
N GLY A 434 13.86 -9.66 22.71
CA GLY A 434 12.64 -8.90 22.99
C GLY A 434 12.86 -8.07 24.23
N TYR A 435 12.02 -7.14 24.58
CA TYR A 435 12.06 -6.30 25.75
C TYR A 435 10.88 -6.70 26.69
N LEU A 436 10.86 -6.06 27.86
CA LEU A 436 9.87 -6.27 28.93
C LEU A 436 8.77 -5.24 29.00
N ALA A 437 7.50 -5.55 28.87
CA ALA A 437 6.43 -4.55 29.01
C ALA A 437 6.06 -4.47 30.49
N VAL A 438 5.91 -3.29 31.02
CA VAL A 438 5.69 -3.12 32.46
C VAL A 438 4.75 -1.96 32.71
N ALA A 439 4.15 -1.90 33.89
CA ALA A 439 3.19 -0.87 34.27
C ALA A 439 3.87 -0.05 35.36
N VAL A 440 4.03 1.22 35.21
CA VAL A 440 4.74 1.93 36.27
C VAL A 440 3.86 2.87 37.04
N VAL A 441 4.22 3.13 38.29
CA VAL A 441 3.44 4.04 39.16
C VAL A 441 4.49 4.68 40.07
N ARG A 442 4.07 5.73 40.68
CA ARG A 442 4.73 6.50 41.72
C ARG A 442 4.64 5.63 42.99
N ARG A 443 5.79 5.37 43.57
CA ARG A 443 6.01 4.59 44.80
C ARG A 443 4.95 4.85 45.89
N SER A 444 4.80 6.16 45.84
CA SER A 444 3.90 6.96 46.65
C SER A 444 2.47 6.44 46.74
N ASP A 445 1.96 5.78 45.74
CA ASP A 445 0.72 5.19 45.37
C ASP A 445 0.52 3.76 45.76
N THR A 446 0.82 3.57 47.00
CA THR A 446 0.83 2.35 47.82
C THR A 446 -0.19 1.28 47.55
N SER A 447 -1.38 1.78 47.52
CA SER A 447 -2.68 1.21 47.30
C SER A 447 -3.03 0.73 45.89
N LEU A 448 -2.26 1.29 44.95
CA LEU A 448 -2.44 1.04 43.51
C LEU A 448 -1.82 -0.32 43.23
N THR A 449 -2.51 -1.20 42.58
CA THR A 449 -2.03 -2.52 42.22
C THR A 449 -2.63 -2.96 40.88
N TRP A 450 -2.14 -4.05 40.34
CA TRP A 450 -2.58 -4.64 39.06
C TRP A 450 -4.11 -4.67 39.08
N ASN A 451 -4.60 -5.34 40.08
CA ASN A 451 -5.99 -5.62 40.40
C ASN A 451 -6.78 -4.32 40.52
N SER A 452 -6.25 -3.15 40.77
CA SER A 452 -7.13 -1.98 40.87
C SER A 452 -6.71 -0.79 40.07
N VAL A 453 -6.05 -0.99 38.96
CA VAL A 453 -5.56 0.02 37.98
C VAL A 453 -6.73 0.50 37.11
N LYS A 454 -7.72 -0.38 36.91
CA LYS A 454 -8.95 -0.14 36.16
C LYS A 454 -9.82 1.03 36.65
N GLY A 455 -10.13 1.89 35.70
CA GLY A 455 -10.95 3.07 35.98
C GLY A 455 -10.06 4.15 36.51
N LYS A 456 -8.75 4.07 36.39
CA LYS A 456 -7.88 5.17 36.92
C LYS A 456 -7.31 5.92 35.70
N LYS A 457 -6.27 6.76 35.78
CA LYS A 457 -5.78 7.39 34.52
C LYS A 457 -4.56 6.69 33.98
N SER A 458 -4.54 6.22 32.74
CA SER A 458 -3.45 5.48 32.10
C SER A 458 -2.57 6.31 31.16
N CYS A 459 -1.33 6.00 30.85
CA CYS A 459 -0.44 6.79 29.97
C CYS A 459 0.06 5.71 29.04
N HIS A 460 -0.14 5.82 27.72
CA HIS A 460 0.27 4.82 26.75
C HIS A 460 1.21 5.40 25.68
N THR A 461 2.13 4.56 25.21
CA THR A 461 3.07 4.96 24.14
C THR A 461 2.28 5.59 23.00
N ALA A 462 1.33 4.79 22.60
CA ALA A 462 0.36 5.01 21.54
C ALA A 462 -0.43 3.69 21.37
N VAL A 463 -1.57 3.89 20.71
CA VAL A 463 -2.51 2.85 20.34
C VAL A 463 -1.82 1.96 19.34
N ASP A 464 -1.76 0.67 19.57
CA ASP A 464 -1.16 -0.32 18.70
C ASP A 464 0.33 -0.62 18.87
N ARG A 465 0.94 -0.08 19.87
CA ARG A 465 2.33 -0.46 20.19
C ARG A 465 2.21 -1.60 21.25
N THR A 466 3.15 -2.54 21.27
CA THR A 466 3.12 -3.74 22.21
C THR A 466 3.05 -3.31 23.66
N ALA A 467 4.12 -2.77 24.28
CA ALA A 467 4.10 -2.35 25.68
C ALA A 467 2.94 -1.46 26.02
N GLY A 468 2.85 -0.38 25.23
CA GLY A 468 1.89 0.73 25.34
C GLY A 468 0.38 0.41 25.16
N TRP A 469 0.07 -0.63 24.44
CA TRP A 469 -1.33 -0.93 24.23
C TRP A 469 -1.67 -2.37 24.06
N ASN A 470 -1.13 -3.03 23.10
CA ASN A 470 -1.54 -4.39 22.91
C ASN A 470 -1.61 -5.28 24.12
N ILE A 471 -0.59 -5.17 24.98
CA ILE A 471 -0.34 -5.95 26.19
C ILE A 471 -1.25 -5.49 27.31
N PRO A 472 -1.21 -4.27 27.69
CA PRO A 472 -2.07 -3.85 28.77
C PRO A 472 -3.53 -4.08 28.43
N MET A 473 -4.05 -3.63 27.32
CA MET A 473 -5.39 -3.68 26.86
C MET A 473 -5.67 -5.11 26.50
N GLY A 474 -4.84 -5.88 25.93
CA GLY A 474 -5.18 -7.27 25.61
C GLY A 474 -5.47 -8.18 26.86
N LEU A 475 -4.79 -7.96 27.96
CA LEU A 475 -4.85 -8.63 29.25
C LEU A 475 -6.21 -8.26 29.94
N LEU A 476 -6.48 -6.98 29.94
CA LEU A 476 -7.69 -6.51 30.52
C LEU A 476 -8.88 -7.06 29.69
N PHE A 477 -8.72 -6.99 28.34
CA PHE A 477 -9.75 -7.45 27.34
C PHE A 477 -10.10 -8.92 27.59
N ASN A 478 -9.07 -9.65 27.96
CA ASN A 478 -9.15 -11.10 28.20
C ASN A 478 -9.90 -11.43 29.48
N GLN A 479 -10.25 -10.39 30.21
CA GLN A 479 -10.97 -10.52 31.49
C GLN A 479 -12.46 -10.19 31.29
N THR A 480 -12.68 -8.92 31.07
CA THR A 480 -13.99 -8.33 30.84
C THR A 480 -14.56 -8.83 29.52
N GLY A 481 -13.71 -8.95 28.54
CA GLY A 481 -14.08 -9.42 27.19
C GLY A 481 -14.80 -8.31 26.42
N SER A 482 -14.54 -7.08 26.84
CA SER A 482 -15.17 -5.90 26.24
C SER A 482 -14.29 -5.23 25.16
N CYS A 483 -15.06 -4.60 24.26
CA CYS A 483 -14.39 -3.92 23.13
C CYS A 483 -14.42 -2.42 23.48
N LYS A 484 -14.97 -1.99 24.59
CA LYS A 484 -15.03 -0.56 24.87
C LYS A 484 -13.80 -0.12 25.65
N PHE A 485 -12.73 -0.16 24.83
CA PHE A 485 -11.37 0.14 25.33
C PHE A 485 -11.33 1.54 25.91
N ASP A 486 -12.30 2.36 25.65
CA ASP A 486 -12.31 3.73 26.17
C ASP A 486 -13.04 3.83 27.54
N GLU A 487 -13.27 2.60 28.05
CA GLU A 487 -13.95 2.48 29.33
C GLU A 487 -13.15 1.65 30.31
N TYR A 488 -11.95 1.32 29.90
CA TYR A 488 -11.04 0.53 30.77
C TYR A 488 -10.50 1.48 31.82
N PHE A 489 -10.07 2.68 31.48
CA PHE A 489 -9.52 3.68 32.38
C PHE A 489 -10.38 4.90 32.37
N SER A 490 -10.48 5.76 33.34
CA SER A 490 -11.27 7.00 33.29
C SER A 490 -10.76 7.96 32.19
N GLN A 491 -9.49 8.36 32.19
CA GLN A 491 -8.92 9.21 31.19
C GLN A 491 -7.49 8.71 30.91
N SER A 492 -7.17 8.89 29.64
CA SER A 492 -5.84 8.53 29.16
C SER A 492 -5.27 9.55 28.17
N CYS A 493 -4.13 9.17 27.74
CA CYS A 493 -3.28 9.76 26.78
C CYS A 493 -2.70 8.46 26.18
N ALA A 494 -3.39 8.24 25.08
CA ALA A 494 -3.15 7.14 24.14
C ALA A 494 -3.09 7.79 22.75
N PRO A 495 -1.95 8.41 22.33
CA PRO A 495 -1.85 9.10 21.04
C PRO A 495 -2.35 8.34 19.84
N GLY A 496 -3.04 8.99 18.91
CA GLY A 496 -3.49 8.26 17.72
C GLY A 496 -4.91 7.79 18.04
N SER A 497 -5.50 8.35 19.05
CA SER A 497 -6.87 7.97 19.39
C SER A 497 -7.70 9.20 18.92
N ASP A 498 -9.03 9.07 19.10
CA ASP A 498 -9.97 10.12 18.76
C ASP A 498 -9.73 11.24 19.80
N PRO A 499 -9.30 12.33 19.21
CA PRO A 499 -8.98 13.55 19.98
C PRO A 499 -10.11 14.00 20.86
N ARG A 500 -11.22 13.43 20.48
CA ARG A 500 -12.48 13.77 21.22
C ARG A 500 -12.75 12.72 22.29
N SER A 501 -12.07 11.58 22.25
CA SER A 501 -12.31 10.57 23.29
C SER A 501 -11.55 10.86 24.58
N ASN A 502 -11.89 10.15 25.64
CA ASN A 502 -11.33 10.19 26.99
C ASN A 502 -9.86 9.71 26.94
N LEU A 503 -9.68 8.94 25.88
CA LEU A 503 -8.44 8.28 25.54
C LEU A 503 -7.43 9.29 25.01
N CYS A 504 -7.87 10.52 24.87
CA CYS A 504 -6.91 11.54 24.38
C CYS A 504 -6.93 12.56 25.52
N ALA A 505 -7.91 12.34 26.39
CA ALA A 505 -8.11 13.27 27.53
C ALA A 505 -6.87 13.88 28.17
N LEU A 506 -5.78 13.12 28.37
CA LEU A 506 -4.59 13.61 29.03
C LEU A 506 -3.46 14.02 28.11
N CYS A 507 -3.55 13.93 26.81
CA CYS A 507 -2.52 14.38 25.85
C CYS A 507 -2.43 15.92 25.90
N ILE A 508 -1.18 16.33 25.64
CA ILE A 508 -0.84 17.76 25.74
C ILE A 508 -0.38 18.40 24.45
N GLY A 509 -0.32 17.60 23.43
CA GLY A 509 0.07 18.21 22.17
C GLY A 509 1.50 18.70 22.40
N ASP A 510 1.93 19.49 21.42
CA ASP A 510 3.20 20.16 21.20
C ASP A 510 3.35 21.31 22.18
N GLU A 511 4.54 21.84 22.13
CA GLU A 511 4.95 22.94 23.03
C GLU A 511 4.00 24.12 23.13
N GLU A 512 3.10 24.19 22.15
CA GLU A 512 2.05 25.16 21.94
C GLU A 512 0.65 24.63 22.22
N GLY A 513 0.46 23.44 22.73
CA GLY A 513 -0.90 22.94 23.02
C GLY A 513 -1.75 22.50 21.83
N GLU A 514 -1.01 22.23 20.79
CA GLU A 514 -1.50 21.77 19.49
C GLU A 514 -0.89 20.39 19.30
N ASN A 515 -1.31 19.65 18.30
CA ASN A 515 -0.75 18.33 18.04
C ASN A 515 -1.10 17.31 19.11
N LYS A 516 -1.99 17.76 19.94
CA LYS A 516 -2.54 17.00 21.08
C LYS A 516 -3.05 15.65 20.60
N CYS A 517 -2.52 14.60 21.19
CA CYS A 517 -2.95 13.24 20.91
C CYS A 517 -2.55 12.63 19.57
N VAL A 518 -1.56 13.34 18.98
CA VAL A 518 -1.09 12.85 17.68
C VAL A 518 -0.13 11.73 17.96
N PRO A 519 -0.13 10.74 17.06
CA PRO A 519 0.76 9.57 17.13
C PRO A 519 2.16 9.76 16.55
N ASN A 520 2.87 10.77 17.00
CA ASN A 520 4.27 11.12 16.63
C ASN A 520 4.83 11.98 17.78
N SER A 521 6.15 12.12 17.77
CA SER A 521 6.88 12.93 18.78
C SER A 521 6.54 14.37 18.94
N ASN A 522 5.64 14.86 18.19
CA ASN A 522 5.30 16.23 18.41
C ASN A 522 4.32 16.36 19.59
N GLU A 523 3.72 15.21 19.95
CA GLU A 523 2.88 15.10 21.17
C GLU A 523 3.90 14.74 22.30
N ARG A 524 3.97 15.66 23.26
CA ARG A 524 4.90 15.55 24.42
C ARG A 524 4.90 14.29 25.25
N TYR A 525 3.74 13.61 25.31
CA TYR A 525 3.37 12.38 25.98
C TYR A 525 3.43 11.19 25.03
N TYR A 526 3.93 11.36 23.82
CA TYR A 526 3.99 10.25 22.87
C TYR A 526 5.18 9.36 23.18
N GLY A 527 5.12 8.12 22.84
CA GLY A 527 6.15 7.11 22.96
C GLY A 527 6.47 6.80 24.42
N TYR A 528 7.54 6.06 24.54
CA TYR A 528 8.10 5.59 25.79
C TYR A 528 8.29 6.67 26.81
N THR A 529 9.09 7.60 26.40
CA THR A 529 9.47 8.74 27.22
C THR A 529 8.26 9.56 27.54
N GLY A 530 7.37 9.75 26.57
CA GLY A 530 6.18 10.56 26.65
C GLY A 530 5.26 9.92 27.64
N ALA A 531 5.06 8.59 27.50
CA ALA A 531 4.16 7.81 28.39
C ALA A 531 4.61 7.99 29.82
N PHE A 532 5.90 7.79 30.07
CA PHE A 532 6.61 8.01 31.35
C PHE A 532 6.45 9.47 31.74
N ARG A 533 6.74 10.51 30.96
CA ARG A 533 6.54 11.92 31.33
C ARG A 533 5.15 12.23 31.88
N CYS A 534 4.18 11.50 31.27
CA CYS A 534 2.72 11.53 31.58
C CYS A 534 2.52 11.17 33.07
N LEU A 535 3.17 10.11 33.52
CA LEU A 535 3.14 9.66 34.91
C LEU A 535 3.89 10.55 35.91
N ALA A 536 5.16 10.77 35.61
CA ALA A 536 6.04 11.61 36.44
C ALA A 536 5.42 13.00 36.62
N GLU A 537 4.51 13.40 35.71
CA GLU A 537 3.84 14.71 35.83
C GLU A 537 2.45 14.59 36.38
N ASN A 538 2.16 13.45 36.93
CA ASN A 538 0.91 13.14 37.60
C ASN A 538 -0.26 13.43 36.70
N ALA A 539 -0.05 13.17 35.42
CA ALA A 539 -1.17 13.37 34.46
C ALA A 539 -2.00 12.08 34.60
N GLY A 540 -1.35 10.96 34.36
CA GLY A 540 -1.90 9.60 34.43
C GLY A 540 -1.53 8.93 35.78
N ASP A 541 -1.92 7.68 36.06
CA ASP A 541 -1.65 6.99 37.31
C ASP A 541 -0.79 5.78 37.02
N VAL A 542 -0.87 5.24 35.84
CA VAL A 542 -0.01 4.09 35.49
C VAL A 542 0.50 4.55 34.08
N ALA A 543 1.58 4.01 33.61
CA ALA A 543 2.17 4.31 32.34
C ALA A 543 2.58 2.94 31.85
N PHE A 544 2.23 2.70 30.59
CA PHE A 544 2.56 1.39 29.97
C PHE A 544 3.81 1.65 29.10
N VAL A 545 5.03 1.26 29.52
CA VAL A 545 6.28 1.51 28.79
C VAL A 545 7.11 0.29 29.03
N LYS A 546 8.42 0.33 28.86
CA LYS A 546 9.31 -0.84 29.08
C LYS A 546 10.18 -0.55 30.32
N ASP A 547 10.90 -1.48 30.88
CA ASP A 547 11.68 -1.10 32.12
C ASP A 547 12.80 -0.09 31.92
N VAL A 548 13.57 -0.32 30.89
CA VAL A 548 14.71 0.53 30.54
C VAL A 548 14.21 1.94 30.56
N THR A 549 12.96 2.26 30.35
CA THR A 549 12.43 3.60 30.25
C THR A 549 12.59 4.40 31.52
N VAL A 550 12.42 3.69 32.63
CA VAL A 550 12.52 4.46 33.92
C VAL A 550 13.99 4.75 34.15
N LEU A 551 14.83 3.76 33.99
CA LEU A 551 16.29 3.94 34.17
C LEU A 551 16.75 5.19 33.38
N GLN A 552 16.64 4.97 32.04
CA GLN A 552 16.97 6.04 31.12
C GLN A 552 16.25 7.33 31.52
N ASN A 553 15.20 7.48 32.28
CA ASN A 553 14.70 8.84 32.46
C ASN A 553 14.77 9.41 33.84
N THR A 554 15.54 8.79 34.69
CA THR A 554 15.61 9.35 36.07
C THR A 554 17.09 9.40 36.44
N ASP A 555 17.30 10.19 37.48
CA ASP A 555 18.64 10.34 38.09
C ASP A 555 19.64 10.95 37.09
N GLY A 556 19.32 12.08 36.55
CA GLY A 556 20.12 12.84 35.57
C GLY A 556 20.49 11.86 34.48
N ASN A 557 19.54 11.02 34.19
CA ASN A 557 19.83 10.07 33.12
C ASN A 557 19.19 10.92 32.03
N ASN A 558 18.29 11.80 32.44
CA ASN A 558 17.62 12.67 31.48
C ASN A 558 17.70 14.10 32.04
N ASN A 559 18.32 14.93 31.20
CA ASN A 559 18.50 16.35 31.55
C ASN A 559 17.30 17.22 31.13
N GLU A 560 16.15 16.71 30.71
CA GLU A 560 15.10 17.68 30.36
C GLU A 560 14.65 18.04 31.77
N ALA A 561 14.19 19.24 31.88
CA ALA A 561 13.81 19.78 33.21
C ALA A 561 12.68 18.98 33.83
N TRP A 562 11.87 18.50 32.89
CA TRP A 562 10.71 17.69 33.33
C TRP A 562 11.37 16.53 34.14
N ALA A 563 12.32 15.90 33.47
CA ALA A 563 12.97 14.75 34.07
C ALA A 563 14.07 14.91 35.06
N LYS A 564 14.72 16.03 35.18
CA LYS A 564 15.88 16.20 36.09
C LYS A 564 16.06 15.53 37.47
N ASP A 565 15.12 15.97 38.33
CA ASP A 565 15.05 15.56 39.75
C ASP A 565 14.48 14.19 40.03
N LEU A 566 13.82 13.55 39.08
CA LEU A 566 13.24 12.22 39.17
C LEU A 566 14.39 11.24 39.43
N LYS A 567 14.07 10.46 40.42
CA LYS A 567 14.81 9.37 41.05
C LYS A 567 14.08 8.03 40.95
N LEU A 568 14.87 7.08 40.49
CA LEU A 568 14.41 5.71 40.28
C LEU A 568 13.48 5.17 41.37
N ALA A 569 13.87 5.44 42.59
CA ALA A 569 13.16 4.93 43.78
C ALA A 569 11.73 5.42 44.05
N ASP A 570 11.32 6.39 43.27
CA ASP A 570 10.05 7.03 43.37
C ASP A 570 8.93 6.38 42.59
N PHE A 571 9.36 5.47 41.79
CA PHE A 571 8.54 4.69 40.87
C PHE A 571 8.54 3.21 41.22
N ALA A 572 7.49 2.52 40.84
CA ALA A 572 7.55 1.07 41.10
C ALA A 572 6.83 0.42 39.94
N LEU A 573 6.90 -0.87 39.84
CA LEU A 573 6.22 -1.73 38.90
C LEU A 573 5.06 -2.47 39.63
N LEU A 574 4.06 -2.88 38.88
CA LEU A 574 2.83 -3.58 39.19
C LEU A 574 2.94 -4.96 38.52
N CYS A 575 2.82 -5.96 39.40
CA CYS A 575 2.88 -7.39 38.98
C CYS A 575 1.40 -7.83 38.94
N LEU A 576 1.20 -8.78 38.07
CA LEU A 576 -0.02 -9.46 37.64
C LEU A 576 -0.59 -10.24 38.85
N ASP A 577 0.35 -10.51 39.83
CA ASP A 577 0.05 -11.22 41.12
C ASP A 577 -0.32 -10.24 42.25
N GLY A 578 -0.68 -9.03 41.86
CA GLY A 578 -1.12 -8.00 42.80
C GLY A 578 0.06 -7.39 43.57
N LYS A 579 1.25 -7.89 43.38
CA LYS A 579 2.39 -7.30 44.11
C LYS A 579 2.91 -6.07 43.40
N ARG A 580 3.87 -5.51 44.08
CA ARG A 580 4.58 -4.32 43.67
C ARG A 580 6.05 -4.54 43.94
N LYS A 581 6.82 -4.18 42.95
CA LYS A 581 8.26 -4.33 43.01
C LYS A 581 8.89 -3.04 42.52
N PRO A 582 10.20 -2.96 42.68
CA PRO A 582 11.02 -1.82 42.23
C PRO A 582 11.48 -2.24 40.82
N VAL A 583 11.72 -1.17 40.08
CA VAL A 583 12.13 -1.13 38.67
C VAL A 583 13.30 -2.06 38.40
N THR A 584 13.98 -2.36 39.49
CA THR A 584 15.14 -3.27 39.22
C THR A 584 14.60 -4.68 39.12
N GLU A 585 13.39 -4.90 39.69
CA GLU A 585 12.86 -6.28 39.59
C GLU A 585 11.98 -6.62 38.44
N ALA A 586 11.96 -5.77 37.44
CA ALA A 586 11.16 -6.03 36.24
C ALA A 586 11.34 -7.42 35.67
N ARG A 587 12.49 -8.01 35.89
CA ARG A 587 12.72 -9.32 35.27
C ARG A 587 11.76 -10.32 35.83
N SER A 588 11.15 -10.04 36.96
CA SER A 588 10.17 -10.90 37.66
C SER A 588 8.90 -10.11 38.01
N CYS A 589 8.69 -8.96 37.38
CA CYS A 589 7.55 -8.09 37.63
C CYS A 589 7.24 -7.27 36.37
N HIS A 590 6.84 -7.97 35.36
CA HIS A 590 6.42 -7.41 34.07
C HIS A 590 5.17 -8.15 33.51
N LEU A 591 4.34 -7.39 32.78
CA LEU A 591 3.16 -7.84 32.05
C LEU A 591 3.56 -8.88 31.01
N ALA A 592 4.55 -8.65 30.17
CA ALA A 592 5.04 -9.64 29.17
C ALA A 592 6.25 -9.12 28.40
N MET A 593 6.77 -10.04 27.63
CA MET A 593 7.89 -9.85 26.71
C MET A 593 7.38 -9.33 25.35
N ALA A 594 7.87 -8.19 24.95
CA ALA A 594 7.53 -7.62 23.65
C ALA A 594 8.72 -8.00 22.73
N PRO A 595 8.39 -8.26 21.46
CA PRO A 595 9.35 -8.52 20.38
C PRO A 595 10.00 -7.15 20.06
N ASN A 596 11.27 -7.30 19.75
CA ASN A 596 12.08 -6.12 19.38
C ASN A 596 11.42 -5.43 18.15
N HIS A 597 11.62 -4.11 18.22
CA HIS A 597 11.20 -3.27 17.07
C HIS A 597 12.06 -3.82 15.90
N ALA A 598 11.41 -3.84 14.72
CA ALA A 598 12.14 -4.40 13.54
C ALA A 598 12.03 -3.46 12.33
N VAL A 599 13.00 -3.60 11.42
CA VAL A 599 12.90 -2.70 10.24
C VAL A 599 12.25 -3.52 9.17
N VAL A 600 11.26 -2.90 8.58
CA VAL A 600 10.48 -3.59 7.49
C VAL A 600 10.63 -2.91 6.14
N SER A 601 10.51 -3.64 5.06
CA SER A 601 10.61 -3.17 3.69
C SER A 601 9.82 -4.07 2.70
N ARG A 602 9.98 -3.67 1.41
CA ARG A 602 9.26 -4.48 0.39
C ARG A 602 10.16 -5.66 0.12
N MET A 603 9.70 -6.80 -0.38
CA MET A 603 10.69 -7.88 -0.62
C MET A 603 11.79 -7.56 -1.63
N ASP A 604 11.49 -6.65 -2.52
CA ASP A 604 12.33 -6.17 -3.60
C ASP A 604 13.45 -5.27 -3.08
N LYS A 605 13.29 -4.72 -1.89
CA LYS A 605 14.30 -3.82 -1.33
C LYS A 605 15.15 -4.60 -0.37
N VAL A 606 14.92 -5.80 0.08
CA VAL A 606 15.65 -6.50 1.11
C VAL A 606 17.15 -6.66 1.22
N GLU A 607 17.76 -7.28 0.24
CA GLU A 607 19.21 -7.49 0.22
C GLU A 607 19.96 -6.18 0.21
N ARG A 608 19.45 -5.25 -0.58
CA ARG A 608 20.09 -3.94 -0.66
C ARG A 608 19.94 -3.10 0.60
N LEU A 609 18.80 -3.25 1.26
CA LEU A 609 18.51 -2.52 2.50
C LEU A 609 19.52 -3.06 3.51
N LYS A 610 19.66 -4.38 3.50
CA LYS A 610 20.56 -5.06 4.44
C LYS A 610 21.98 -4.50 4.35
N GLN A 611 22.42 -4.45 3.12
CA GLN A 611 23.77 -3.98 2.75
C GLN A 611 24.04 -2.55 3.22
N VAL A 612 23.15 -1.69 2.92
CA VAL A 612 23.16 -0.30 3.29
C VAL A 612 23.11 -0.03 4.81
N LEU A 613 22.17 -0.70 5.50
CA LEU A 613 21.99 -0.53 6.96
C LEU A 613 23.21 -1.07 7.71
N LEU A 614 23.77 -2.14 7.21
CA LEU A 614 24.96 -2.80 7.79
C LEU A 614 26.24 -1.94 7.62
N HIS A 615 26.37 -1.51 6.35
CA HIS A 615 27.48 -0.61 6.04
C HIS A 615 27.32 0.58 6.98
N GLN A 616 26.23 1.33 6.89
CA GLN A 616 25.89 2.49 7.66
C GLN A 616 25.90 2.34 9.16
N GLN A 617 25.94 1.16 9.75
CA GLN A 617 25.92 1.16 11.24
C GLN A 617 27.42 1.11 11.67
N ALA A 618 28.11 0.49 10.71
CA ALA A 618 29.59 0.30 10.87
C ALA A 618 30.19 1.68 11.10
N LYS A 619 29.60 2.64 10.47
CA LYS A 619 30.00 4.01 10.54
C LYS A 619 29.19 4.75 11.56
N PHE A 620 27.90 4.70 11.75
CA PHE A 620 27.33 5.57 12.79
C PHE A 620 26.63 4.84 13.93
N GLY A 621 27.01 3.60 14.07
CA GLY A 621 26.54 2.73 15.14
C GLY A 621 26.90 3.02 16.61
N ARG A 622 26.79 2.04 17.51
CA ARG A 622 27.05 2.23 18.95
C ARG A 622 28.49 2.53 19.19
N ASN A 623 29.29 1.95 18.47
CA ASN A 623 30.70 2.16 18.61
C ASN A 623 31.12 2.20 17.17
N GLY A 624 30.60 3.30 16.71
CA GLY A 624 30.56 3.69 15.35
C GLY A 624 31.65 4.56 14.85
N SER A 625 32.30 3.92 13.89
CA SER A 625 33.40 4.57 13.14
C SER A 625 33.14 6.03 12.89
N ASP A 626 32.15 6.77 13.31
CA ASP A 626 31.99 8.18 12.96
C ASP A 626 31.09 8.76 14.04
N CYS A 627 30.80 7.78 14.86
CA CYS A 627 29.94 7.98 16.04
C CYS A 627 30.85 8.01 17.29
N PRO A 628 30.80 9.13 17.99
CA PRO A 628 29.97 10.28 17.78
C PRO A 628 30.52 11.66 17.54
N ASP A 629 31.58 11.67 16.77
CA ASP A 629 32.24 12.93 16.38
C ASP A 629 31.42 13.57 15.23
N LYS A 630 30.90 12.62 14.44
CA LYS A 630 30.08 12.96 13.28
C LYS A 630 28.61 12.65 13.48
N PHE A 631 28.24 11.34 13.48
CA PHE A 631 26.79 11.02 13.69
C PHE A 631 26.70 9.63 14.31
N CYS A 632 25.78 9.70 15.23
CA CYS A 632 25.33 8.55 16.07
C CYS A 632 23.97 8.19 15.52
N LEU A 633 23.90 7.09 14.83
CA LEU A 633 22.57 6.76 14.27
C LEU A 633 21.47 6.51 15.33
N PHE A 634 22.02 5.94 16.41
CA PHE A 634 21.24 5.49 17.56
C PHE A 634 21.17 6.51 18.68
N GLN A 635 21.03 7.75 18.38
CA GLN A 635 20.85 8.79 19.36
C GLN A 635 20.12 9.99 18.82
N SER A 636 19.25 10.48 19.64
CA SER A 636 18.32 11.60 19.55
C SER A 636 18.18 11.98 21.03
N GLU A 637 18.84 11.08 21.74
CA GLU A 637 18.91 11.09 23.19
C GLU A 637 17.52 11.38 23.79
N THR A 638 16.98 10.35 24.45
CA THR A 638 15.68 10.41 25.12
C THR A 638 14.52 10.51 24.11
N LYS A 639 14.85 10.52 22.82
CA LYS A 639 13.68 10.65 21.93
C LYS A 639 13.49 9.38 21.14
N ASN A 640 14.42 8.50 20.97
CA ASN A 640 14.05 7.29 20.18
C ASN A 640 13.45 7.69 18.83
N LEU A 641 14.17 8.55 18.09
CA LEU A 641 13.86 9.12 16.76
C LEU A 641 14.53 8.11 15.84
N LEU A 642 13.68 7.67 14.96
CA LEU A 642 13.91 6.65 13.92
C LEU A 642 14.26 5.28 14.52
N PHE A 643 15.07 5.35 15.59
CA PHE A 643 15.47 4.11 16.30
C PHE A 643 15.44 4.27 17.81
N ASN A 644 15.32 3.19 18.53
CA ASN A 644 15.35 3.27 20.01
C ASN A 644 16.81 3.65 20.42
N ASP A 645 16.86 4.66 21.26
CA ASP A 645 18.17 5.14 21.72
C ASP A 645 19.04 4.07 22.34
N ASN A 646 18.46 2.99 22.78
CA ASN A 646 19.18 1.88 23.42
C ASN A 646 19.53 0.71 22.49
N THR A 647 19.48 0.98 21.18
CA THR A 647 19.86 -0.09 20.23
C THR A 647 21.38 -0.37 20.29
N GLU A 648 21.80 -1.59 20.65
CA GLU A 648 23.18 -2.02 20.64
C GLU A 648 23.48 -2.05 19.13
N CYS A 649 22.69 -2.69 18.26
CA CYS A 649 22.89 -2.70 16.81
C CYS A 649 21.70 -3.20 16.01
N LEU A 650 21.72 -3.41 14.73
CA LEU A 650 20.64 -3.93 13.90
C LEU A 650 21.11 -5.37 13.70
N ALA A 651 20.53 -6.40 14.22
CA ALA A 651 20.99 -7.79 14.09
C ALA A 651 20.24 -8.56 13.04
N ARG A 652 20.67 -9.73 12.62
CA ARG A 652 20.09 -10.64 11.63
C ARG A 652 18.89 -11.38 12.23
N LEU A 653 17.91 -11.72 11.36
CA LEU A 653 16.64 -12.35 11.78
C LEU A 653 16.47 -13.84 12.08
N HIS A 654 17.59 -14.52 12.08
CA HIS A 654 17.73 -15.94 12.38
C HIS A 654 16.65 -16.81 11.77
N GLY A 655 16.33 -16.43 10.54
CA GLY A 655 15.31 -17.16 9.80
C GLY A 655 13.86 -16.78 10.03
N LYS A 656 13.56 -15.76 10.82
CA LYS A 656 12.17 -15.38 11.06
C LYS A 656 11.87 -14.15 10.20
N THR A 657 11.71 -14.41 8.90
CA THR A 657 11.60 -13.36 7.87
C THR A 657 10.15 -13.08 7.40
N THR A 658 9.20 -13.50 8.25
CA THR A 658 7.72 -13.32 8.09
C THR A 658 7.21 -12.62 9.33
N TYR A 659 6.29 -11.70 9.16
CA TYR A 659 5.77 -11.01 10.32
C TYR A 659 5.29 -12.06 11.35
N GLU A 660 4.84 -13.19 10.85
CA GLU A 660 4.30 -14.27 11.70
C GLU A 660 5.32 -15.00 12.56
N LYS A 661 6.40 -15.39 11.90
CA LYS A 661 7.53 -16.07 12.51
C LYS A 661 8.32 -15.08 13.39
N TYR A 662 8.31 -13.85 12.93
CA TYR A 662 9.06 -12.83 13.70
C TYR A 662 8.24 -12.56 14.98
N LEU A 663 6.96 -12.21 14.84
CA LEU A 663 6.10 -11.86 15.95
C LEU A 663 5.64 -13.08 16.74
N GLY A 664 5.69 -14.24 16.15
CA GLY A 664 5.25 -15.42 16.93
C GLY A 664 3.75 -15.60 17.10
N PRO A 665 3.33 -16.87 17.06
CA PRO A 665 1.97 -17.38 17.17
C PRO A 665 0.95 -16.76 18.12
N GLN A 666 1.25 -16.77 19.38
CA GLN A 666 0.49 -16.22 20.49
C GLN A 666 0.34 -14.72 20.30
N TYR A 667 1.42 -14.05 19.92
CA TYR A 667 1.40 -12.58 19.73
C TYR A 667 0.40 -12.25 18.62
N VAL A 668 0.60 -12.94 17.49
CA VAL A 668 -0.34 -12.64 16.40
C VAL A 668 -1.80 -13.03 16.73
N ALA A 669 -1.96 -14.12 17.51
CA ALA A 669 -3.34 -14.58 17.80
C ALA A 669 -4.06 -13.44 18.50
N GLY A 670 -3.23 -12.98 19.41
CA GLY A 670 -3.68 -11.90 20.26
C GLY A 670 -4.00 -10.62 19.54
N ILE A 671 -3.18 -10.23 18.58
CA ILE A 671 -3.51 -8.94 17.93
C ILE A 671 -4.82 -9.06 17.12
N THR A 672 -4.91 -10.20 16.46
CA THR A 672 -6.11 -10.48 15.68
C THR A 672 -7.38 -10.30 16.51
N ASN A 673 -7.26 -11.00 17.63
CA ASN A 673 -8.36 -10.90 18.59
C ASN A 673 -8.65 -9.47 18.93
N LEU A 674 -7.68 -8.65 19.30
CA LEU A 674 -7.94 -7.22 19.55
C LEU A 674 -8.44 -6.47 18.28
N LYS A 675 -7.94 -6.98 17.11
CA LYS A 675 -8.28 -6.32 15.84
C LYS A 675 -9.75 -6.33 15.52
N LYS A 676 -10.52 -7.33 15.91
CA LYS A 676 -11.97 -7.45 15.71
C LYS A 676 -12.85 -6.42 16.43
N CYS A 677 -12.32 -5.80 17.48
CA CYS A 677 -13.10 -4.79 18.21
C CYS A 677 -13.25 -3.64 17.22
N SER A 678 -12.30 -3.62 16.30
CA SER A 678 -12.07 -2.71 15.16
C SER A 678 -10.63 -2.71 14.59
N THR A 679 -10.70 -2.69 13.25
CA THR A 679 -9.67 -2.70 12.21
C THR A 679 -9.46 -1.25 11.71
N SER A 680 -8.19 -1.08 11.35
CA SER A 680 -7.85 0.26 10.86
C SER A 680 -8.24 0.21 9.37
N PRO A 681 -8.38 1.43 8.93
CA PRO A 681 -8.65 1.70 7.51
C PRO A 681 -7.59 1.10 6.55
N LEU A 682 -6.34 1.04 7.02
CA LEU A 682 -5.13 0.51 6.39
C LEU A 682 -5.18 -1.02 6.31
N LEU A 683 -5.72 -1.61 7.36
CA LEU A 683 -5.88 -3.06 7.43
C LEU A 683 -7.02 -3.48 6.46
N GLU A 684 -8.02 -2.60 6.45
CA GLU A 684 -9.18 -2.72 5.57
C GLU A 684 -8.62 -2.64 4.12
N ALA A 685 -7.98 -1.51 3.83
CA ALA A 685 -7.35 -1.40 2.49
C ALA A 685 -6.48 -2.59 2.15
N CYS A 686 -5.64 -3.13 3.07
CA CYS A 686 -4.77 -4.28 2.72
C CYS A 686 -5.45 -5.62 2.53
N GLU A 687 -6.67 -5.75 3.00
CA GLU A 687 -7.34 -7.05 2.84
C GLU A 687 -7.84 -7.16 1.42
N PHE A 688 -8.41 -6.04 1.03
CA PHE A 688 -9.03 -5.72 -0.26
C PHE A 688 -7.97 -5.93 -1.32
N LEU A 689 -6.81 -5.34 -0.98
CA LEU A 689 -5.71 -5.44 -1.97
C LEU A 689 -5.01 -6.77 -1.89
N ARG A 690 -5.36 -7.66 -0.99
CA ARG A 690 -4.71 -8.96 -0.86
C ARG A 690 -5.27 -10.18 -1.56
N LYS A 691 -6.58 -10.13 -1.65
CA LYS A 691 -7.36 -11.20 -2.32
C LYS A 691 -7.05 -11.11 -3.83
C1 NAG B . 20.15 -3.87 -29.42
C2 NAG B . 19.77 -3.88 -30.86
C3 NAG B . 20.50 -5.07 -31.60
C4 NAG B . 22.00 -5.03 -31.36
C5 NAG B . 22.22 -5.03 -29.84
C6 NAG B . 23.67 -4.83 -29.48
C7 NAG B . 17.64 -3.06 -31.08
C8 NAG B . 18.29 -1.70 -31.32
N2 NAG B . 18.42 -4.20 -30.82
O3 NAG B . 20.27 -5.00 -33.03
O4 NAG B . 22.58 -6.32 -31.70
O5 NAG B . 21.56 -3.91 -29.26
O6 NAG B . 23.81 -3.53 -28.87
O7 NAG B . 16.44 -3.18 -31.06
C1 NAG B . 21.50 -5.79 -33.84
C2 NAG B . 22.74 -6.54 -33.86
C3 NAG B . 23.17 -6.33 -35.35
C4 NAG B . 21.91 -6.54 -36.27
C5 NAG B . 20.50 -6.46 -35.60
C6 NAG B . 19.56 -7.45 -36.28
C7 NAG B . 25.08 -6.96 -33.04
C8 NAG B . 25.58 -8.35 -32.81
N2 NAG B . 23.79 -6.52 -32.84
O3 NAG B . 24.17 -7.28 -35.73
O4 NAG B . 21.83 -5.67 -37.46
O5 NAG B . 20.48 -6.82 -34.19
O6 NAG B . 20.24 -8.69 -36.44
O7 NAG B . 25.71 -6.05 -33.44
C1 FUL B . 24.57 -2.68 -29.53
C2 FUL B . 24.05 -1.32 -29.99
O2 FUL B . 22.94 -0.69 -29.32
C3 FUL B . 25.38 -0.51 -30.03
O3 FUL B . 25.36 0.91 -30.13
C4 FUL B . 26.10 -1.11 -31.26
O4 FUL B . 25.42 -0.58 -32.44
C5 FUL B . 26.17 -2.64 -31.15
C6 FUL B . 26.62 -3.40 -32.39
O5 FUL B . 24.85 -3.30 -30.83
C1 NAG C . -7.01 -14.99 29.65
C2 NAG C . -6.34 -15.14 31.02
C3 NAG C . -6.07 -16.60 31.37
C4 NAG C . -7.48 -17.26 31.39
C5 NAG C . -8.14 -17.12 29.99
C6 NAG C . -9.54 -17.72 30.16
C7 NAG C . -4.09 -13.84 30.78
C8 NAG C . -3.83 -12.37 30.78
N2 NAG C . -5.28 -14.16 31.30
O3 NAG C . -5.52 -16.63 32.71
O4 NAG C . -7.58 -18.64 31.84
O5 NAG C . -8.23 -15.79 29.53
O6 NAG C . -9.93 -17.66 31.52
O7 NAG C . -3.43 -14.68 30.40
C1 FUC C . -10.39 -16.31 31.77
C2 FUC C . -10.32 -16.14 33.28
C3 FUC C . -11.61 -15.70 33.95
C4 FUC C . -12.93 -15.49 33.21
C5 FUC C . -12.70 -15.35 31.69
C6 FUC C . -13.97 -15.58 30.84
O2 FUC C . -9.13 -15.29 33.50
O3 FUC C . -11.87 -16.66 35.05
O4 FUC C . -13.96 -16.46 33.64
O5 FUC C . -11.67 -16.28 31.16
CU CU D . -7.93 -2.74 -19.38
CU CU E . 7.80 -0.92 21.53
C CO3 F . -5.47 -3.88 -21.02
O1 CO3 F . -4.85 -4.83 -20.40
O2 CO3 F . -6.48 -3.27 -20.56
O3 CO3 F . -5.16 -3.38 -22.20
C CO3 G . 5.78 -0.04 22.75
O1 CO3 G . 6.10 -1.26 23.02
O2 CO3 G . 6.45 0.55 21.72
O3 CO3 G . 4.88 0.65 23.44
#